data_6FSD
#
_entry.id   6FSD
#
_cell.length_a   78.013
_cell.length_b   110.327
_cell.length_c   227.261
_cell.angle_alpha   90.00
_cell.angle_beta   90.00
_cell.angle_gamma   90.00
#
_symmetry.space_group_name_H-M   'P 21 21 21'
#
loop_
_entity.id
_entity.type
_entity.pdbx_description
1 polymer Acetylcholinesterase
2 non-polymer 2-(4-phenylphenoxy)-~{N}-(3-piperidin-1-ylpropyl)ethanamide
3 non-polymer 2-[2-(2-METHOXY-ETHOXY)-ETHOXY]-ETHOXYL
4 non-polymer 2-(2-METHOXYETHOXY)ETHANOL
5 non-polymer 2-(2-{2-[2-(2-METHOXY-ETHOXY)-ETHOXY]-ETHOXY}-ETHOXY)-ETHANOL
6 water water
#
_entity_poly.entity_id   1
_entity_poly.type   'polypeptide(L)'
_entity_poly.pdbx_seq_one_letter_code
;EGREDPQLLVRVRGGQLRGIRLKAPGGPVSAFLGIPFAEPPVGSRRFMPPEPKRPWSGVLDATTFQNVCYQYVDTLYPGF
EGTEMWNPNRELSEDCLYLNVWTPYPRPASPTPVLIWIYGGGFYSGAASLDVYDGRFLAQVEGAVLVSMNYRVGTFGFLA
LPGSREAPGNVGLLDQRLALQWVQENIAAFGGDPMSVTLFGESAGAASVGMHILSLPSRSLFHRAVLQSGTPNGPWATVS
AGEARRRATLLARLVGCPPGGAGGNDTELIACLRTRPAQDLVDHEWHVLPQESIFRFSFVPVVDGDFLSDTPEALINTGD
FQDLQVLVGVVKDEGSYFLVYGVPGFSKDNESLISRAQFLAGVRIGVPQASDLAAEAVVLHYTDWLHPEDPTHLRDAMSA
VVGDHNVVCPVAQLAGRLAAQGARVYAYIFEHRASTLTWPLWMGVPHGYEIEFIFGLPLDPSLNYTTEERIFAQRLMKYW
TNFARTGDPNDPRDSKSPQWPPYTTAAQQYVSLNLKPLEVRRGLRAQTCAFWNRFLPKLLSATATGAP
;
_entity_poly.pdbx_strand_id   A,B
#
loop_
_chem_comp.id
_chem_comp.type
_chem_comp.name
_chem_comp.formula
1PG non-polymer 2-(2-{2-[2-(2-METHOXY-ETHOXY)-ETHOXY]-ETHOXY}-ETHOXY)-ETHANOL 'C11 H24 O6'
E5H non-polymer 2-(4-phenylphenoxy)-~{N}-(3-piperidin-1-ylpropyl)ethanamide 'C22 H28 N2 O2'
PG0 non-polymer 2-(2-METHOXYETHOXY)ETHANOL 'C5 H12 O3'
TOE non-polymer 2-[2-(2-METHOXY-ETHOXY)-ETHOXY]-ETHOXYL 'C7 H16 O4'
#
# COMPACT_ATOMS: atom_id res chain seq x y z
N GLU A 1 -28.31 62.09 11.24
CA GLU A 1 -26.86 62.25 11.24
C GLU A 1 -26.44 63.58 11.84
N GLY A 2 -25.30 64.09 11.40
CA GLY A 2 -24.89 65.43 11.82
C GLY A 2 -23.45 65.49 12.26
N ARG A 3 -23.17 64.94 13.44
CA ARG A 3 -21.83 64.90 14.02
C ARG A 3 -21.14 63.56 13.84
N GLU A 4 -21.69 62.69 13.00
CA GLU A 4 -21.13 61.37 12.82
C GLU A 4 -20.01 61.38 11.79
N ASP A 5 -19.26 60.29 11.74
CA ASP A 5 -18.23 60.17 10.72
C ASP A 5 -18.92 60.00 9.38
N PRO A 6 -18.80 60.96 8.45
CA PRO A 6 -19.52 60.84 7.18
C PRO A 6 -19.08 59.65 6.33
N GLN A 7 -17.97 59.01 6.63
CA GLN A 7 -17.55 57.87 5.80
C GLN A 7 -18.00 56.52 6.36
N LEU A 8 -18.69 56.51 7.50
CA LEU A 8 -19.20 55.29 8.11
C LEU A 8 -20.68 55.04 7.83
N LEU A 9 -21.30 55.85 6.98
CA LEU A 9 -22.74 55.72 6.75
C LEU A 9 -22.97 55.26 5.32
N VAL A 10 -23.78 54.21 5.17
CA VAL A 10 -23.97 53.52 3.90
C VAL A 10 -25.44 53.09 3.83
N ARG A 11 -26.00 53.08 2.62
CA ARG A 11 -27.34 52.54 2.39
C ARG A 11 -27.24 51.20 1.67
N VAL A 12 -28.07 50.23 2.10
CA VAL A 12 -28.27 48.97 1.40
C VAL A 12 -29.77 48.81 1.20
N ARG A 13 -30.14 47.77 0.45
CA ARG A 13 -31.51 47.59 0.00
C ARG A 13 -32.54 47.62 1.14
N GLY A 14 -32.11 47.44 2.38
CA GLY A 14 -33.06 47.33 3.45
C GLY A 14 -33.06 48.54 4.36
N GLY A 15 -32.09 49.41 4.18
CA GLY A 15 -32.03 50.61 4.98
C GLY A 15 -30.63 51.20 5.04
N GLN A 16 -30.48 52.10 6.00
CA GLN A 16 -29.23 52.79 6.28
C GLN A 16 -28.46 52.06 7.38
N LEU A 17 -27.13 52.08 7.27
CA LEU A 17 -26.28 51.47 8.28
C LEU A 17 -25.18 52.42 8.69
N ARG A 18 -24.81 52.35 9.95
CA ARG A 18 -23.68 53.09 10.48
C ARG A 18 -22.62 52.07 10.85
N GLY A 19 -21.51 52.08 10.11
CA GLY A 19 -20.37 51.26 10.44
C GLY A 19 -19.47 51.87 11.52
N ILE A 20 -18.26 51.30 11.62
CA ILE A 20 -17.32 51.66 12.66
C ILE A 20 -15.92 51.64 12.07
N ARG A 21 -15.09 52.57 12.55
CA ARG A 21 -13.73 52.72 12.06
C ARG A 21 -12.80 52.00 13.03
N LEU A 22 -12.25 50.88 12.59
CA LEU A 22 -11.35 50.06 13.40
C LEU A 22 -9.90 50.33 13.01
N LYS A 23 -9.00 50.08 13.96
CA LYS A 23 -7.56 50.19 13.72
C LYS A 23 -7.01 48.82 13.30
N ALA A 24 -6.42 48.76 12.12
CA ALA A 24 -5.46 47.71 11.80
C ALA A 24 -4.07 48.24 12.09
N PRO A 25 -3.05 47.38 12.14
CA PRO A 25 -1.74 47.89 12.54
C PRO A 25 -1.18 48.96 11.62
N GLY A 26 -1.56 48.96 10.36
CA GLY A 26 -1.01 49.94 9.45
C GLY A 26 -2.01 50.96 8.95
N GLY A 27 -3.04 51.27 9.74
CA GLY A 27 -4.06 52.17 9.27
C GLY A 27 -5.45 51.69 9.58
N PRO A 28 -6.44 52.58 9.43
CA PRO A 28 -7.81 52.23 9.78
C PRO A 28 -8.48 51.42 8.68
N VAL A 29 -9.57 50.76 9.08
CA VAL A 29 -10.42 50.05 8.14
C VAL A 29 -11.86 50.38 8.51
N SER A 30 -12.74 50.26 7.52
CA SER A 30 -14.18 50.39 7.74
C SER A 30 -14.75 49.03 8.06
N ALA A 31 -15.60 48.96 9.08
CA ALA A 31 -16.28 47.71 9.41
C ALA A 31 -17.77 47.95 9.53
N PHE A 32 -18.56 47.11 8.88
CA PHE A 32 -20.02 47.08 9.02
C PHE A 32 -20.41 45.71 9.54
N LEU A 33 -20.58 45.61 10.86
CA LEU A 33 -20.77 44.34 11.55
C LEU A 33 -22.24 44.14 11.94
N GLY A 34 -22.73 42.92 11.74
CA GLY A 34 -24.08 42.57 12.13
C GLY A 34 -25.18 43.11 11.23
N ILE A 35 -24.93 43.18 9.94
CA ILE A 35 -26.01 43.54 9.00
C ILE A 35 -26.95 42.36 8.87
N PRO A 36 -28.25 42.53 9.07
CA PRO A 36 -29.16 41.40 8.88
C PRO A 36 -29.38 41.16 7.40
N PHE A 37 -29.42 39.88 7.01
CA PHE A 37 -29.68 39.55 5.62
C PHE A 37 -30.86 38.61 5.46
N ALA A 38 -31.59 38.32 6.54
CA ALA A 38 -32.73 37.42 6.46
C ALA A 38 -33.70 37.77 7.58
N GLU A 39 -34.95 37.37 7.40
CA GLU A 39 -35.86 37.41 8.53
C GLU A 39 -35.40 36.39 9.57
N PRO A 40 -35.46 36.73 10.86
CA PRO A 40 -34.96 35.82 11.89
C PRO A 40 -35.65 34.47 11.80
N PRO A 41 -34.92 33.42 11.49
CA PRO A 41 -35.57 32.12 11.27
C PRO A 41 -35.95 31.46 12.59
N VAL A 42 -36.89 32.08 13.30
CA VAL A 42 -37.31 31.64 14.62
C VAL A 42 -38.75 31.15 14.54
N GLY A 43 -39.29 30.66 15.66
CA GLY A 43 -40.65 30.17 15.72
C GLY A 43 -41.05 29.24 14.58
N SER A 44 -42.11 29.60 13.85
CA SER A 44 -42.59 28.79 12.74
C SER A 44 -41.58 28.74 11.60
N ARG A 45 -40.59 29.62 11.61
CA ARG A 45 -39.56 29.61 10.59
C ARG A 45 -38.40 28.67 10.90
N ARG A 46 -38.32 28.12 12.11
CA ARG A 46 -37.28 27.13 12.43
C ARG A 46 -37.34 25.95 11.46
N PHE A 47 -36.16 25.62 10.92
CA PHE A 47 -35.98 24.63 9.85
C PHE A 47 -36.45 25.10 8.49
N MET A 48 -37.06 26.28 8.40
CA MET A 48 -37.52 26.69 7.08
C MET A 48 -36.41 27.37 6.33
N PRO A 49 -36.52 27.46 4.99
CA PRO A 49 -35.59 28.28 4.22
C PRO A 49 -35.65 29.73 4.68
N PRO A 50 -34.57 30.48 4.50
CA PRO A 50 -34.55 31.85 5.01
C PRO A 50 -35.36 32.77 4.10
N GLU A 51 -36.21 33.61 4.72
CA GLU A 51 -36.76 34.65 3.85
C GLU A 51 -35.87 35.90 3.85
N PRO A 52 -35.83 36.62 2.74
CA PRO A 52 -35.12 37.92 2.69
C PRO A 52 -35.55 38.88 3.80
N LYS A 53 -34.57 39.68 4.27
CA LYS A 53 -34.82 40.60 5.36
C LYS A 53 -35.70 41.77 4.92
N ARG A 54 -36.76 42.01 5.67
CA ARG A 54 -37.63 43.13 5.39
C ARG A 54 -36.90 44.44 5.68
N PRO A 55 -37.07 45.46 4.83
CA PRO A 55 -36.41 46.75 5.07
C PRO A 55 -36.80 47.37 6.40
N TRP A 56 -35.85 48.07 7.01
CA TRP A 56 -36.04 48.69 8.31
C TRP A 56 -35.99 50.21 8.17
N SER A 57 -36.41 50.90 9.22
CA SER A 57 -36.44 52.36 9.20
C SER A 57 -35.36 52.92 10.12
N GLY A 58 -34.92 54.13 9.80
CA GLY A 58 -33.85 54.68 10.58
C GLY A 58 -32.51 54.04 10.22
N VAL A 59 -31.52 54.39 11.01
CA VAL A 59 -30.16 53.94 10.79
C VAL A 59 -29.92 52.74 11.68
N LEU A 60 -29.74 51.58 11.07
CA LEU A 60 -29.34 50.40 11.83
C LEU A 60 -27.88 50.56 12.29
N ASP A 61 -27.62 50.27 13.57
CA ASP A 61 -26.26 50.28 14.03
C ASP A 61 -25.53 49.00 13.61
N ALA A 62 -24.38 49.15 12.97
CA ALA A 62 -23.61 48.06 12.37
C ALA A 62 -22.19 48.11 12.88
N THR A 63 -22.04 48.23 14.20
CA THR A 63 -20.75 48.43 14.83
C THR A 63 -20.31 47.29 15.74
N THR A 64 -21.18 46.32 16.04
CA THR A 64 -20.81 45.19 16.87
C THR A 64 -21.30 43.89 16.24
N PHE A 65 -20.62 42.80 16.58
CA PHE A 65 -21.00 41.50 16.06
C PHE A 65 -22.34 41.07 16.64
N GLN A 66 -23.17 40.43 15.80
CA GLN A 66 -24.47 39.96 16.21
C GLN A 66 -24.40 38.56 16.82
N ASN A 67 -25.55 38.02 17.21
CA ASN A 67 -25.62 36.69 17.81
C ASN A 67 -24.99 35.64 16.92
N VAL A 68 -24.39 34.65 17.52
CA VAL A 68 -23.95 33.49 16.75
C VAL A 68 -25.05 32.45 16.82
N CYS A 69 -25.16 31.67 15.73
CA CYS A 69 -26.26 30.73 15.61
C CYS A 69 -26.19 29.66 16.70
N TYR A 70 -27.37 29.19 17.11
CA TYR A 70 -27.46 28.30 18.25
C TYR A 70 -26.72 26.99 17.97
N GLN A 71 -25.85 26.59 18.88
CA GLN A 71 -24.92 25.52 18.54
C GLN A 71 -24.31 24.89 19.79
N TYR A 72 -23.82 23.66 19.61
CA TYR A 72 -23.07 22.96 20.64
C TYR A 72 -21.82 23.75 21.00
N VAL A 73 -21.47 23.75 22.29
CA VAL A 73 -20.26 24.42 22.76
C VAL A 73 -19.29 23.38 23.33
N ASP A 74 -18.02 23.55 23.00
CA ASP A 74 -16.98 22.59 23.35
C ASP A 74 -16.58 22.73 24.81
N THR A 75 -16.57 21.61 25.54
CA THR A 75 -16.39 21.58 26.99
C THR A 75 -15.35 20.57 27.41
N LEU A 76 -14.59 20.01 26.45
CA LEU A 76 -13.63 18.96 26.78
C LEU A 76 -12.34 19.50 27.37
N TYR A 77 -11.99 20.75 27.11
CA TYR A 77 -10.85 21.39 27.78
C TYR A 77 -11.25 22.81 28.18
N PRO A 78 -12.15 22.94 29.15
CA PRO A 78 -12.61 24.28 29.55
C PRO A 78 -11.45 25.20 29.87
N GLY A 79 -11.51 26.42 29.32
CA GLY A 79 -10.50 27.44 29.57
C GLY A 79 -9.24 27.29 28.74
N PHE A 80 -9.07 26.18 28.04
CA PHE A 80 -7.91 25.98 27.19
C PHE A 80 -8.08 26.79 25.92
N GLU A 81 -7.08 27.63 25.62
CA GLU A 81 -7.19 28.53 24.47
C GLU A 81 -7.41 27.76 23.16
N GLY A 82 -6.73 26.62 23.01
CA GLY A 82 -6.83 25.85 21.77
C GLY A 82 -8.23 25.41 21.41
N THR A 83 -9.13 25.32 22.38
CA THR A 83 -10.53 25.06 22.07
C THR A 83 -11.41 26.32 22.15
N GLU A 84 -11.10 27.26 23.04
CA GLU A 84 -12.01 28.39 23.24
C GLU A 84 -12.02 29.32 22.03
N MET A 85 -10.88 29.44 21.33
CA MET A 85 -10.80 30.30 20.16
C MET A 85 -11.83 29.97 19.10
N TRP A 86 -12.36 28.74 19.08
CA TRP A 86 -13.38 28.34 18.13
C TRP A 86 -14.78 28.40 18.72
N ASN A 87 -14.90 28.61 20.03
CA ASN A 87 -16.20 28.66 20.66
C ASN A 87 -16.89 29.99 20.38
N PRO A 88 -18.23 30.01 20.47
CA PRO A 88 -18.97 31.27 20.25
C PRO A 88 -18.48 32.39 21.13
N ASN A 89 -18.42 33.60 20.56
CA ASN A 89 -17.98 34.78 21.31
C ASN A 89 -19.04 35.88 21.31
N ARG A 90 -20.29 35.52 21.07
CA ARG A 90 -21.43 36.39 21.25
C ARG A 90 -22.57 35.52 21.75
N GLU A 91 -23.70 36.15 22.07
CA GLU A 91 -24.84 35.42 22.59
C GLU A 91 -25.34 34.38 21.58
N LEU A 92 -25.70 33.19 22.06
CA LEU A 92 -26.31 32.19 21.19
C LEU A 92 -27.78 32.52 20.99
N SER A 93 -28.23 32.51 19.74
CA SER A 93 -29.62 32.79 19.45
C SER A 93 -29.98 32.19 18.10
N GLU A 94 -31.24 31.79 17.95
CA GLU A 94 -31.72 31.38 16.62
C GLU A 94 -31.84 32.55 15.69
N ASP A 95 -31.96 33.75 16.24
CA ASP A 95 -31.90 35.02 15.51
C ASP A 95 -30.42 35.31 15.29
N CYS A 96 -29.92 34.98 14.12
CA CYS A 96 -28.48 34.94 13.94
C CYS A 96 -28.02 35.15 12.51
N LEU A 97 -28.93 35.26 11.55
CA LEU A 97 -28.61 35.45 10.13
C LEU A 97 -28.19 36.90 9.90
N TYR A 98 -26.92 37.17 10.19
CA TYR A 98 -26.32 38.47 9.99
C TYR A 98 -24.99 38.27 9.30
N LEU A 99 -24.52 39.29 8.61
CA LEU A 99 -23.23 39.21 7.94
C LEU A 99 -22.42 40.46 8.24
N ASN A 100 -21.13 40.39 7.97
CA ASN A 100 -20.20 41.46 8.28
C ASN A 100 -19.44 41.86 7.03
N VAL A 101 -19.09 43.15 6.94
CA VAL A 101 -18.30 43.68 5.84
C VAL A 101 -17.13 44.49 6.39
N TRP A 102 -15.92 44.18 5.92
CA TRP A 102 -14.74 45.01 6.10
C TRP A 102 -14.34 45.56 4.75
N THR A 103 -14.01 46.85 4.70
CA THR A 103 -13.49 47.52 3.51
C THR A 103 -12.34 48.40 3.93
N PRO A 104 -11.50 48.82 2.99
CA PRO A 104 -10.54 49.90 3.29
C PRO A 104 -11.19 51.16 3.86
N TYR A 105 -10.39 52.01 4.49
CA TYR A 105 -10.90 53.29 5.01
C TYR A 105 -10.06 54.48 4.54
N PRO A 106 -10.67 55.40 3.80
CA PRO A 106 -12.09 55.43 3.42
C PRO A 106 -12.37 54.39 2.35
N ARG A 107 -13.65 54.06 2.12
CA ARG A 107 -13.99 52.96 1.24
C ARG A 107 -13.36 53.14 -0.14
N PRO A 108 -13.11 52.06 -0.87
CA PRO A 108 -12.20 52.15 -2.03
C PRO A 108 -12.77 52.99 -3.16
N ALA A 109 -11.86 53.38 -4.05
CA ALA A 109 -12.17 54.30 -5.15
C ALA A 109 -12.77 53.57 -6.35
N SER A 110 -11.97 52.69 -6.97
CA SER A 110 -12.46 51.79 -7.99
C SER A 110 -13.31 50.68 -7.36
N PRO A 111 -14.02 49.91 -8.17
CA PRO A 111 -14.66 48.69 -7.65
C PRO A 111 -13.60 47.66 -7.26
N THR A 112 -13.71 47.13 -6.03
CA THR A 112 -12.64 46.29 -5.51
C THR A 112 -13.11 44.83 -5.37
N PRO A 113 -12.26 43.85 -5.71
CA PRO A 113 -12.69 42.44 -5.65
C PRO A 113 -13.10 42.03 -4.25
N VAL A 114 -14.10 41.16 -4.18
CA VAL A 114 -14.76 40.80 -2.93
C VAL A 114 -14.37 39.37 -2.52
N LEU A 115 -14.09 39.21 -1.23
CA LEU A 115 -13.80 37.92 -0.61
C LEU A 115 -14.94 37.59 0.33
N ILE A 116 -15.61 36.47 0.11
CA ILE A 116 -16.64 35.99 1.00
C ILE A 116 -16.11 34.79 1.76
N TRP A 117 -16.10 34.87 3.10
CA TRP A 117 -15.65 33.78 3.95
C TRP A 117 -16.82 32.95 4.49
N ILE A 118 -16.72 31.63 4.36
CA ILE A 118 -17.69 30.70 4.94
C ILE A 118 -16.98 29.86 5.98
N TYR A 119 -17.30 30.07 7.26
CA TYR A 119 -16.57 29.38 8.30
C TYR A 119 -16.85 27.87 8.30
N GLY A 120 -15.96 27.13 8.96
CA GLY A 120 -16.13 25.73 9.24
C GLY A 120 -16.65 25.49 10.65
N GLY A 121 -16.56 24.24 11.08
CA GLY A 121 -17.07 23.85 12.38
C GLY A 121 -17.93 22.62 12.23
N GLY A 122 -17.58 21.78 11.25
CA GLY A 122 -18.29 20.54 11.00
C GLY A 122 -19.80 20.64 10.84
N PHE A 123 -20.32 21.81 10.48
CA PHE A 123 -21.74 22.08 10.28
C PHE A 123 -22.55 22.09 11.57
N TYR A 124 -21.90 22.04 12.73
CA TYR A 124 -22.59 22.05 14.02
C TYR A 124 -22.17 23.25 14.86
N SER A 125 -21.24 24.06 14.39
CA SER A 125 -20.62 25.11 15.19
C SER A 125 -20.04 26.14 14.23
N GLY A 126 -19.54 27.24 14.81
CA GLY A 126 -18.90 28.25 14.01
C GLY A 126 -19.61 29.59 14.06
N ALA A 127 -18.88 30.65 13.77
CA ALA A 127 -19.41 32.01 13.78
C ALA A 127 -18.52 32.86 12.90
N ALA A 128 -19.09 33.91 12.32
CA ALA A 128 -18.28 34.78 11.48
C ALA A 128 -17.52 35.82 12.29
N SER A 129 -17.76 35.84 13.60
CA SER A 129 -17.30 36.87 14.53
C SER A 129 -16.13 36.43 15.41
N LEU A 130 -15.58 35.23 15.18
CA LEU A 130 -14.39 34.80 15.91
C LEU A 130 -13.19 35.64 15.52
N ASP A 131 -12.21 35.71 16.41
CA ASP A 131 -11.05 36.56 16.12
C ASP A 131 -10.26 36.05 14.92
N VAL A 132 -10.11 34.74 14.75
CA VAL A 132 -9.30 34.27 13.61
C VAL A 132 -9.92 34.58 12.27
N TYR A 133 -11.19 34.98 12.23
CA TYR A 133 -11.82 35.37 10.97
C TYR A 133 -11.91 36.90 10.80
N ASP A 134 -11.11 37.67 11.55
CA ASP A 134 -11.12 39.12 11.52
C ASP A 134 -10.60 39.65 10.19
N GLY A 135 -11.42 40.45 9.50
CA GLY A 135 -11.11 40.91 8.18
C GLY A 135 -10.30 42.18 8.09
N ARG A 136 -9.98 42.81 9.22
CA ARG A 136 -9.38 44.12 9.17
C ARG A 136 -8.01 44.08 8.48
N PHE A 137 -7.26 42.99 8.63
CA PHE A 137 -5.91 42.94 8.06
C PHE A 137 -5.95 42.78 6.55
N LEU A 138 -6.79 41.87 6.05
CA LEU A 138 -6.90 41.72 4.60
C LEU A 138 -7.42 43.01 3.98
N ALA A 139 -8.36 43.68 4.65
CA ALA A 139 -8.91 44.92 4.11
C ALA A 139 -7.89 46.06 4.16
N GLN A 140 -7.09 46.12 5.22
CA GLN A 140 -6.14 47.24 5.35
C GLN A 140 -4.94 47.05 4.44
N VAL A 141 -4.34 45.86 4.47
CA VAL A 141 -3.06 45.67 3.80
C VAL A 141 -3.25 45.37 2.33
N GLU A 142 -4.28 44.60 1.99
CA GLU A 142 -4.56 44.26 0.61
C GLU A 142 -5.68 45.07 0.00
N GLY A 143 -6.33 45.90 0.80
CA GLY A 143 -7.42 46.70 0.27
C GLY A 143 -8.63 45.91 -0.18
N ALA A 144 -8.75 44.67 0.26
CA ALA A 144 -9.86 43.82 -0.16
C ALA A 144 -11.15 44.26 0.52
N VAL A 145 -12.27 43.91 -0.10
CA VAL A 145 -13.55 43.93 0.59
C VAL A 145 -13.81 42.50 1.06
N LEU A 146 -14.00 42.34 2.35
CA LEU A 146 -14.20 41.02 2.93
C LEU A 146 -15.58 40.93 3.57
N VAL A 147 -16.29 39.86 3.27
CA VAL A 147 -17.64 39.64 3.77
C VAL A 147 -17.68 38.26 4.40
N SER A 148 -18.22 38.16 5.60
CA SER A 148 -18.44 36.86 6.20
C SER A 148 -19.84 36.82 6.79
N MET A 149 -20.52 35.70 6.65
CA MET A 149 -21.90 35.55 7.09
C MET A 149 -22.04 34.45 8.14
N ASN A 150 -23.11 34.53 8.91
CA ASN A 150 -23.56 33.46 9.77
C ASN A 150 -24.53 32.59 9.00
N TYR A 151 -24.37 31.28 9.07
CA TYR A 151 -25.38 30.38 8.54
C TYR A 151 -25.78 29.45 9.66
N ARG A 152 -27.00 28.95 9.60
CA ARG A 152 -27.50 28.08 10.65
C ARG A 152 -26.78 26.73 10.63
N VAL A 153 -26.45 26.22 11.82
CA VAL A 153 -25.71 24.98 11.95
C VAL A 153 -26.54 23.96 12.72
N GLY A 154 -26.06 22.72 12.72
CA GLY A 154 -26.70 21.70 13.52
C GLY A 154 -28.11 21.42 13.03
N THR A 155 -29.00 21.09 13.97
CA THR A 155 -30.38 20.80 13.60
C THR A 155 -31.05 21.99 12.92
N PHE A 156 -30.80 23.20 13.43
CA PHE A 156 -31.48 24.38 12.88
C PHE A 156 -31.08 24.64 11.43
N GLY A 157 -29.86 24.30 11.07
CA GLY A 157 -29.42 24.53 9.71
C GLY A 157 -29.54 23.34 8.78
N PHE A 158 -29.67 22.12 9.32
CA PHE A 158 -29.57 20.95 8.46
C PHE A 158 -30.45 19.76 8.82
N LEU A 159 -31.26 19.83 9.87
CA LEU A 159 -32.19 18.74 10.13
C LEU A 159 -33.21 18.70 8.99
N ALA A 160 -33.32 17.58 8.34
CA ALA A 160 -34.19 17.44 7.17
C ALA A 160 -35.07 16.21 7.29
N LEU A 161 -36.33 16.37 6.92
CA LEU A 161 -37.21 15.26 6.57
C LEU A 161 -37.37 15.33 5.06
N PRO A 162 -36.43 14.77 4.28
CA PRO A 162 -36.36 15.12 2.85
C PRO A 162 -37.70 14.91 2.15
N GLY A 163 -38.03 15.85 1.26
CA GLY A 163 -39.30 15.83 0.58
C GLY A 163 -40.45 16.49 1.32
N SER A 164 -40.31 16.75 2.62
CA SER A 164 -41.32 17.52 3.31
C SER A 164 -41.18 18.99 2.96
N ARG A 165 -42.16 19.78 3.38
CA ARG A 165 -42.09 21.19 3.09
C ARG A 165 -41.72 22.03 4.30
N GLU A 166 -41.83 21.48 5.51
CA GLU A 166 -41.47 22.20 6.72
C GLU A 166 -40.06 21.90 7.18
N ALA A 167 -39.34 21.03 6.49
CA ALA A 167 -37.95 20.75 6.80
C ALA A 167 -37.28 20.20 5.56
N PRO A 168 -37.16 20.99 4.49
CA PRO A 168 -36.61 20.47 3.23
C PRO A 168 -35.15 20.09 3.31
N GLY A 169 -34.44 20.55 4.34
CA GLY A 169 -33.01 20.33 4.44
C GLY A 169 -32.21 21.40 3.73
N ASN A 170 -30.92 21.43 4.07
CA ASN A 170 -29.93 22.33 3.50
C ASN A 170 -30.21 23.82 3.75
N VAL A 171 -31.15 24.16 4.64
CA VAL A 171 -31.49 25.57 4.85
C VAL A 171 -30.27 26.38 5.25
N GLY A 172 -29.26 25.74 5.85
CA GLY A 172 -28.06 26.47 6.19
C GLY A 172 -27.21 26.81 4.99
N LEU A 173 -27.24 25.97 3.96
CA LEU A 173 -26.63 26.36 2.70
C LEU A 173 -27.44 27.46 2.01
N LEU A 174 -28.76 27.43 2.16
CA LEU A 174 -29.59 28.50 1.63
C LEU A 174 -29.27 29.81 2.34
N ASP A 175 -29.13 29.77 3.67
CA ASP A 175 -28.62 30.92 4.41
C ASP A 175 -27.38 31.49 3.73
N GLN A 176 -26.42 30.63 3.40
CA GLN A 176 -25.19 31.11 2.78
C GLN A 176 -25.50 31.77 1.45
N ARG A 177 -26.36 31.13 0.66
CA ARG A 177 -26.63 31.64 -0.68
C ARG A 177 -27.34 32.97 -0.62
N LEU A 178 -28.25 33.15 0.35
CA LEU A 178 -28.94 34.41 0.51
C LEU A 178 -27.96 35.52 0.81
N ALA A 179 -26.95 35.24 1.61
CA ALA A 179 -25.89 36.23 1.80
C ALA A 179 -25.14 36.48 0.49
N LEU A 180 -24.94 35.44 -0.32
CA LEU A 180 -24.28 35.64 -1.61
C LEU A 180 -25.08 36.61 -2.49
N GLN A 181 -26.38 36.36 -2.63
CA GLN A 181 -27.26 37.29 -3.33
C GLN A 181 -27.16 38.69 -2.73
N TRP A 182 -27.28 38.79 -1.41
CA TRP A 182 -27.12 40.08 -0.75
C TRP A 182 -25.84 40.77 -1.17
N VAL A 183 -24.76 40.01 -1.34
CA VAL A 183 -23.54 40.63 -1.81
C VAL A 183 -23.70 41.12 -3.26
N GLN A 184 -24.32 40.32 -4.12
CA GLN A 184 -24.57 40.75 -5.49
C GLN A 184 -25.29 42.09 -5.53
N GLU A 185 -26.34 42.24 -4.71
CA GLU A 185 -27.16 43.43 -4.81
C GLU A 185 -26.51 44.64 -4.14
N ASN A 186 -25.84 44.44 -3.01
CA ASN A 186 -25.51 45.54 -2.13
C ASN A 186 -24.03 45.84 -1.99
N ILE A 187 -23.14 44.91 -2.36
CA ILE A 187 -21.72 45.13 -2.06
C ILE A 187 -21.17 46.35 -2.79
N ALA A 188 -21.85 46.80 -3.85
CA ALA A 188 -21.37 47.99 -4.55
C ALA A 188 -21.44 49.24 -3.68
N ALA A 189 -22.40 49.32 -2.74
CA ALA A 189 -22.44 50.46 -1.84
C ALA A 189 -21.21 50.58 -0.95
N PHE A 190 -20.34 49.58 -0.92
CA PHE A 190 -19.15 49.63 -0.09
C PHE A 190 -17.89 49.73 -0.91
N GLY A 191 -18.00 49.71 -2.24
CA GLY A 191 -16.86 49.71 -3.11
C GLY A 191 -16.52 48.35 -3.66
N GLY A 192 -17.19 47.31 -3.18
CA GLY A 192 -16.94 45.99 -3.68
C GLY A 192 -17.53 45.80 -5.07
N ASP A 193 -16.88 44.93 -5.83
CA ASP A 193 -17.18 44.67 -7.23
C ASP A 193 -17.97 43.36 -7.32
N PRO A 194 -19.30 43.40 -7.44
CA PRO A 194 -20.07 42.14 -7.50
C PRO A 194 -19.72 41.26 -8.67
N MET A 195 -18.91 41.75 -9.61
CA MET A 195 -18.45 40.96 -10.74
C MET A 195 -17.12 40.26 -10.47
N SER A 196 -16.54 40.40 -9.27
CA SER A 196 -15.32 39.68 -8.88
C SER A 196 -15.51 39.20 -7.43
N VAL A 197 -16.27 38.12 -7.25
CA VAL A 197 -16.57 37.57 -5.93
C VAL A 197 -15.92 36.19 -5.81
N THR A 198 -15.05 36.04 -4.82
CA THR A 198 -14.31 34.80 -4.56
C THR A 198 -14.76 34.23 -3.21
N LEU A 199 -15.35 33.03 -3.24
CA LEU A 199 -15.66 32.29 -2.02
C LEU A 199 -14.42 31.61 -1.45
N PHE A 200 -14.27 31.66 -0.13
CA PHE A 200 -13.23 30.85 0.48
C PHE A 200 -13.69 30.45 1.88
N GLY A 201 -13.35 29.21 2.26
CA GLY A 201 -13.77 28.63 3.52
C GLY A 201 -12.92 27.42 3.87
N GLU A 202 -13.08 26.97 5.11
CA GLU A 202 -12.27 25.91 5.66
C GLU A 202 -13.17 24.89 6.34
N SER A 203 -12.75 23.62 6.27
CA SER A 203 -13.46 22.48 6.87
C SER A 203 -14.85 22.42 6.27
N ALA A 204 -15.93 22.44 7.07
CA ALA A 204 -17.27 22.52 6.51
C ALA A 204 -17.45 23.74 5.63
N GLY A 205 -16.65 24.78 5.83
CA GLY A 205 -16.77 25.96 4.99
C GLY A 205 -16.27 25.67 3.59
N ALA A 206 -15.10 25.05 3.49
CA ALA A 206 -14.62 24.58 2.19
C ALA A 206 -15.63 23.65 1.53
N ALA A 207 -16.15 22.67 2.29
CA ALA A 207 -17.22 21.82 1.75
C ALA A 207 -18.37 22.67 1.24
N SER A 208 -18.72 23.74 1.95
CA SER A 208 -19.83 24.60 1.54
C SER A 208 -19.51 25.29 0.21
N VAL A 209 -18.35 25.94 0.13
CA VAL A 209 -17.88 26.45 -1.14
C VAL A 209 -18.05 25.41 -2.22
N GLY A 210 -17.59 24.17 -1.93
CA GLY A 210 -17.74 23.08 -2.89
C GLY A 210 -19.19 22.88 -3.32
N MET A 211 -20.12 22.96 -2.38
CA MET A 211 -21.50 22.69 -2.78
C MET A 211 -22.14 23.84 -3.54
N HIS A 212 -21.66 25.07 -3.34
CA HIS A 212 -22.11 26.17 -4.19
C HIS A 212 -21.58 26.03 -5.60
N ILE A 213 -20.42 25.39 -5.76
CA ILE A 213 -19.92 25.08 -7.08
C ILE A 213 -20.82 24.07 -7.77
N LEU A 214 -21.40 23.16 -7.01
CA LEU A 214 -22.17 22.07 -7.60
C LEU A 214 -23.66 22.34 -7.63
N SER A 215 -24.11 23.47 -7.11
CA SER A 215 -25.54 23.80 -7.08
C SER A 215 -25.80 24.94 -8.06
N LEU A 216 -26.54 24.64 -9.13
CA LEU A 216 -26.74 25.60 -10.21
C LEU A 216 -27.18 26.98 -9.75
N PRO A 217 -28.19 27.13 -8.88
CA PRO A 217 -28.59 28.50 -8.50
C PRO A 217 -27.49 29.31 -7.84
N SER A 218 -26.46 28.68 -7.28
CA SER A 218 -25.40 29.44 -6.62
C SER A 218 -24.30 29.87 -7.58
N ARG A 219 -24.25 29.27 -8.77
CA ARG A 219 -23.11 29.46 -9.64
C ARG A 219 -23.13 30.82 -10.33
N SER A 220 -24.26 31.51 -10.30
CA SER A 220 -24.36 32.87 -10.80
C SER A 220 -24.04 33.90 -9.73
N LEU A 221 -23.48 33.49 -8.57
CA LEU A 221 -23.25 34.37 -7.45
C LEU A 221 -21.79 34.56 -7.09
N PHE A 222 -20.88 33.84 -7.76
CA PHE A 222 -19.45 33.96 -7.49
C PHE A 222 -18.68 33.53 -8.73
N HIS A 223 -17.36 33.76 -8.70
CA HIS A 223 -16.52 33.53 -9.87
C HIS A 223 -15.33 32.63 -9.59
N ARG A 224 -14.71 32.76 -8.43
CA ARG A 224 -13.59 31.94 -8.05
C ARG A 224 -13.88 31.31 -6.68
N ALA A 225 -13.19 30.20 -6.38
CA ALA A 225 -13.42 29.51 -5.13
C ALA A 225 -12.10 29.01 -4.54
N VAL A 226 -12.04 29.02 -3.22
CA VAL A 226 -10.92 28.47 -2.45
C VAL A 226 -11.50 27.47 -1.47
N LEU A 227 -10.94 26.26 -1.44
CA LEU A 227 -11.39 25.23 -0.51
C LEU A 227 -10.22 24.81 0.37
N GLN A 228 -10.25 25.20 1.65
CA GLN A 228 -9.17 24.91 2.59
C GLN A 228 -9.60 23.74 3.47
N SER A 229 -8.93 22.58 3.28
CA SER A 229 -9.09 21.39 4.12
C SER A 229 -10.52 20.91 4.21
N GLY A 230 -11.21 20.86 3.07
CA GLY A 230 -12.60 20.46 3.06
C GLY A 230 -13.11 20.31 1.64
N THR A 231 -14.11 19.46 1.45
CA THR A 231 -14.56 19.04 0.13
C THR A 231 -16.02 18.68 0.24
N PRO A 232 -16.80 18.86 -0.83
CA PRO A 232 -18.20 18.45 -0.76
C PRO A 232 -18.28 16.93 -0.92
N ASN A 233 -17.36 16.37 -1.68
CA ASN A 233 -17.17 14.94 -1.66
C ASN A 233 -16.49 14.54 -0.34
N GLY A 234 -16.48 13.24 -0.08
CA GLY A 234 -15.85 12.73 1.12
C GLY A 234 -16.89 12.10 2.03
N PRO A 235 -16.44 11.54 3.15
CA PRO A 235 -17.35 10.75 4.00
C PRO A 235 -18.18 11.51 5.01
N TRP A 236 -17.91 12.80 5.28
CA TRP A 236 -18.61 13.45 6.36
C TRP A 236 -19.50 14.61 5.96
N ALA A 237 -19.32 15.17 4.76
CA ALA A 237 -19.96 16.42 4.37
C ALA A 237 -21.41 16.28 3.93
N THR A 238 -21.87 15.07 3.60
CA THR A 238 -23.23 14.89 3.14
C THR A 238 -23.81 13.60 3.71
N VAL A 239 -25.12 13.48 3.60
CA VAL A 239 -25.83 12.25 3.94
C VAL A 239 -26.93 12.05 2.91
N SER A 240 -27.17 10.80 2.57
CA SER A 240 -28.35 10.43 1.80
C SER A 240 -29.60 11.04 2.41
N ALA A 241 -30.68 11.14 1.63
CA ALA A 241 -31.96 11.53 2.21
C ALA A 241 -32.43 10.53 3.27
N GLY A 242 -32.23 9.24 3.01
CA GLY A 242 -32.74 8.25 3.94
C GLY A 242 -32.04 8.35 5.27
N GLU A 243 -30.72 8.56 5.24
CA GLU A 243 -29.99 8.65 6.49
C GLU A 243 -30.37 9.93 7.24
N ALA A 244 -30.48 11.06 6.51
CA ALA A 244 -30.96 12.30 7.11
C ALA A 244 -32.33 12.11 7.73
N ARG A 245 -33.25 11.48 7.00
CA ARG A 245 -34.56 11.23 7.57
C ARG A 245 -34.44 10.41 8.84
N ARG A 246 -33.54 9.43 8.84
CA ARG A 246 -33.37 8.56 9.98
C ARG A 246 -32.99 9.35 11.23
N ARG A 247 -31.99 10.22 11.10
CA ARG A 247 -31.54 10.97 12.26
C ARG A 247 -32.56 11.97 12.74
N ALA A 248 -33.28 12.59 11.81
CA ALA A 248 -34.27 13.56 12.25
C ALA A 248 -35.36 12.89 13.06
N THR A 249 -35.82 11.73 12.60
CA THR A 249 -36.81 10.98 13.36
C THR A 249 -36.28 10.56 14.72
N LEU A 250 -35.07 10.04 14.77
CA LEU A 250 -34.52 9.60 16.05
C LEU A 250 -34.42 10.76 17.03
N LEU A 251 -33.89 11.89 16.56
CA LEU A 251 -33.75 13.05 17.44
C LEU A 251 -35.09 13.54 17.94
N ALA A 252 -36.13 13.45 17.11
CA ALA A 252 -37.46 13.84 17.54
C ALA A 252 -38.01 12.94 18.66
N ARG A 253 -37.67 11.65 18.66
CA ARG A 253 -38.06 10.82 19.79
C ARG A 253 -37.22 11.12 21.01
N LEU A 254 -35.91 11.30 20.82
CA LEU A 254 -35.02 11.63 21.92
C LEU A 254 -35.49 12.86 22.68
N VAL A 255 -36.19 13.79 22.02
CA VAL A 255 -36.77 14.93 22.71
C VAL A 255 -38.27 14.80 22.90
N GLY A 256 -38.86 13.71 22.42
CA GLY A 256 -40.24 13.39 22.76
C GLY A 256 -41.28 13.78 21.75
N CYS A 257 -41.28 13.18 20.56
CA CYS A 257 -42.29 13.54 19.56
C CYS A 257 -42.93 12.33 18.86
N ASN A 265 -46.56 11.05 9.59
CA ASN A 265 -46.72 12.29 8.85
C ASN A 265 -45.70 13.32 9.36
N ASP A 266 -44.96 13.93 8.43
CA ASP A 266 -43.85 14.80 8.81
C ASP A 266 -44.33 16.08 9.48
N THR A 267 -45.53 16.54 9.17
CA THR A 267 -45.99 17.85 9.66
C THR A 267 -46.14 17.85 11.18
N GLU A 268 -46.80 16.83 11.74
CA GLU A 268 -46.97 16.79 13.19
C GLU A 268 -45.63 16.76 13.89
N LEU A 269 -44.68 16.02 13.33
CA LEU A 269 -43.40 15.82 14.01
C LEU A 269 -42.61 17.12 14.02
N ILE A 270 -42.49 17.76 12.86
CA ILE A 270 -41.79 19.05 12.79
C ILE A 270 -42.51 20.06 13.67
N ALA A 271 -43.84 20.07 13.62
CA ALA A 271 -44.58 20.94 14.52
C ALA A 271 -44.14 20.75 15.96
N CYS A 272 -43.87 19.49 16.36
CA CYS A 272 -43.43 19.20 17.72
C CYS A 272 -42.04 19.74 17.96
N LEU A 273 -41.09 19.41 17.09
CA LEU A 273 -39.72 19.91 17.23
C LEU A 273 -39.71 21.44 17.34
N ARG A 274 -40.58 22.12 16.61
CA ARG A 274 -40.59 23.57 16.67
C ARG A 274 -41.00 24.09 18.04
N THR A 275 -41.56 23.25 18.90
CA THR A 275 -41.87 23.62 20.28
C THR A 275 -40.73 23.32 21.24
N ARG A 276 -39.66 22.73 20.79
CA ARG A 276 -38.71 22.44 21.84
C ARG A 276 -37.71 23.58 22.01
N PRO A 277 -37.27 23.86 23.23
CA PRO A 277 -36.21 24.86 23.40
C PRO A 277 -34.99 24.49 22.60
N ALA A 278 -34.34 25.50 22.01
CA ALA A 278 -33.18 25.25 21.17
C ALA A 278 -32.13 24.42 21.89
N GLN A 279 -31.95 24.64 23.19
CA GLN A 279 -30.93 23.89 23.90
C GLN A 279 -31.27 22.41 23.98
N ASP A 280 -32.56 22.05 24.01
CA ASP A 280 -32.91 20.64 24.05
C ASP A 280 -32.43 19.93 22.79
N LEU A 281 -32.54 20.58 21.63
CA LEU A 281 -32.09 19.94 20.42
C LEU A 281 -30.56 19.84 20.37
N VAL A 282 -29.87 20.92 20.74
CA VAL A 282 -28.41 20.86 20.82
C VAL A 282 -27.99 19.73 21.75
N ASP A 283 -28.63 19.64 22.91
CA ASP A 283 -28.26 18.67 23.94
C ASP A 283 -28.29 17.23 23.41
N HIS A 284 -29.19 16.91 22.49
CA HIS A 284 -29.35 15.55 21.99
C HIS A 284 -28.79 15.38 20.58
N GLU A 285 -28.11 16.39 20.06
CA GLU A 285 -27.71 16.36 18.65
C GLU A 285 -26.73 15.23 18.37
N TRP A 286 -25.77 14.98 19.26
CA TRP A 286 -24.77 13.96 18.99
C TRP A 286 -25.29 12.54 19.22
N HIS A 287 -26.44 12.37 19.85
CA HIS A 287 -26.92 11.01 20.14
C HIS A 287 -27.44 10.28 18.92
N VAL A 288 -27.53 10.92 17.76
CA VAL A 288 -28.15 10.27 16.61
C VAL A 288 -27.11 9.75 15.62
N LEU A 289 -25.83 9.78 15.97
CA LEU A 289 -24.86 9.27 15.01
C LEU A 289 -24.90 7.73 14.98
N PRO A 290 -24.81 7.13 13.81
CA PRO A 290 -25.02 5.67 13.72
C PRO A 290 -23.97 4.84 14.43
N GLN A 291 -22.73 5.31 14.54
CA GLN A 291 -21.67 4.54 15.15
C GLN A 291 -20.86 5.45 16.06
N GLU A 292 -20.03 4.85 16.89
CA GLU A 292 -19.00 5.61 17.56
C GLU A 292 -18.04 6.16 16.52
N SER A 293 -17.93 7.48 16.43
CA SER A 293 -17.15 8.02 15.33
C SER A 293 -16.43 9.25 15.80
N ILE A 294 -15.34 9.58 15.12
CA ILE A 294 -14.79 10.92 15.13
C ILE A 294 -14.89 11.42 13.70
N PHE A 295 -14.98 12.75 13.54
CA PHE A 295 -15.10 13.39 12.23
C PHE A 295 -16.42 13.03 11.56
N ARG A 296 -17.48 12.97 12.34
CA ARG A 296 -18.80 12.65 11.83
C ARG A 296 -19.77 13.56 12.55
N PHE A 297 -20.70 14.08 11.81
CA PHE A 297 -21.53 15.15 12.34
C PHE A 297 -22.97 14.81 12.01
N SER A 298 -23.85 15.12 12.97
CA SER A 298 -25.17 14.53 12.94
C SER A 298 -26.01 15.12 11.81
N PHE A 299 -25.96 16.42 11.63
CA PHE A 299 -26.84 17.12 10.70
C PHE A 299 -25.96 17.96 9.77
N VAL A 300 -25.86 17.51 8.54
CA VAL A 300 -24.98 18.10 7.52
C VAL A 300 -25.82 18.23 6.25
N PRO A 301 -25.32 18.85 5.18
CA PRO A 301 -26.06 18.86 3.91
C PRO A 301 -26.57 17.49 3.49
N VAL A 302 -27.86 17.44 3.16
CA VAL A 302 -28.50 16.24 2.65
C VAL A 302 -28.52 16.29 1.12
N VAL A 303 -28.25 15.15 0.48
CA VAL A 303 -28.41 14.98 -0.96
C VAL A 303 -29.90 14.92 -1.27
N ASP A 304 -30.49 16.05 -1.63
CA ASP A 304 -31.93 16.20 -1.67
C ASP A 304 -32.50 16.12 -3.07
N GLY A 305 -31.67 15.99 -4.10
CA GLY A 305 -32.17 16.15 -5.44
C GLY A 305 -32.66 17.54 -5.76
N ASP A 306 -32.29 18.54 -4.95
CA ASP A 306 -32.66 19.93 -5.16
C ASP A 306 -31.42 20.82 -5.14
N PHE A 307 -30.97 21.23 -3.94
CA PHE A 307 -29.68 21.87 -3.83
C PHE A 307 -28.58 21.00 -4.42
N LEU A 308 -28.58 19.72 -4.05
CA LEU A 308 -27.65 18.76 -4.62
C LEU A 308 -28.46 17.85 -5.55
N SER A 309 -28.28 18.01 -6.86
CA SER A 309 -29.07 17.24 -7.81
C SER A 309 -28.71 15.76 -7.76
N ASP A 310 -27.47 15.45 -7.39
CA ASP A 310 -27.00 14.11 -7.14
C ASP A 310 -25.92 14.20 -6.07
N THR A 311 -25.28 13.08 -5.76
CA THR A 311 -24.19 13.10 -4.80
C THR A 311 -23.04 13.96 -5.32
N PRO A 312 -22.31 14.61 -4.42
CA PRO A 312 -21.13 15.38 -4.87
C PRO A 312 -20.15 14.56 -5.68
N GLU A 313 -19.93 13.29 -5.35
CA GLU A 313 -19.01 12.46 -6.14
C GLU A 313 -19.52 12.29 -7.56
N ALA A 314 -20.80 12.01 -7.73
CA ALA A 314 -21.40 11.98 -9.06
C ALA A 314 -21.16 13.29 -9.79
N LEU A 315 -21.59 14.40 -9.18
CA LEU A 315 -21.52 15.71 -9.83
C LEU A 315 -20.08 16.10 -10.14
N ILE A 316 -19.17 15.79 -9.20
CA ILE A 316 -17.76 16.05 -9.46
C ILE A 316 -17.26 15.19 -10.60
N ASN A 317 -17.66 13.92 -10.63
CA ASN A 317 -17.10 12.99 -11.60
C ASN A 317 -17.54 13.28 -13.02
N THR A 318 -18.55 14.11 -13.22
CA THR A 318 -19.13 14.25 -14.56
C THR A 318 -19.27 15.71 -15.00
N GLY A 319 -19.45 16.63 -14.06
CA GLY A 319 -19.73 18.00 -14.43
C GLY A 319 -18.64 18.63 -15.28
N ASP A 320 -19.01 19.72 -15.93
CA ASP A 320 -18.12 20.52 -16.75
C ASP A 320 -17.66 21.73 -15.96
N PHE A 321 -16.34 21.92 -15.84
CA PHE A 321 -15.77 22.91 -14.94
C PHE A 321 -14.70 23.76 -15.61
N GLN A 322 -14.88 24.12 -16.89
CA GLN A 322 -13.84 24.89 -17.56
C GLN A 322 -13.81 26.33 -17.12
N ASP A 323 -14.94 26.87 -16.68
CA ASP A 323 -14.96 28.24 -16.20
C ASP A 323 -14.47 28.35 -14.75
N LEU A 324 -14.15 27.25 -14.09
CA LEU A 324 -13.82 27.29 -12.68
C LEU A 324 -12.34 27.49 -12.46
N GLN A 325 -12.01 28.35 -11.50
CA GLN A 325 -10.65 28.51 -11.01
C GLN A 325 -10.69 28.38 -9.50
N VAL A 326 -9.94 27.40 -8.98
CA VAL A 326 -9.98 27.03 -7.57
C VAL A 326 -8.56 27.00 -7.00
N LEU A 327 -8.45 27.37 -5.73
CA LEU A 327 -7.28 27.08 -4.93
C LEU A 327 -7.71 26.10 -3.85
N VAL A 328 -6.97 24.97 -3.71
CA VAL A 328 -7.29 23.90 -2.77
C VAL A 328 -6.03 23.47 -2.04
N GLY A 329 -6.20 23.06 -0.80
CA GLY A 329 -5.02 22.57 -0.09
C GLY A 329 -5.40 22.03 1.27
N VAL A 330 -4.36 21.63 2.01
CA VAL A 330 -4.51 20.87 3.25
C VAL A 330 -3.40 21.31 4.18
N VAL A 331 -3.58 21.04 5.47
CA VAL A 331 -2.49 21.24 6.40
C VAL A 331 -1.78 19.90 6.58
N LYS A 332 -0.63 19.96 7.25
CA LYS A 332 0.24 18.79 7.32
C LYS A 332 -0.42 17.65 8.10
N ASP A 333 -1.06 17.97 9.22
CA ASP A 333 -1.58 16.98 10.16
C ASP A 333 -3.08 17.18 10.34
N GLU A 334 -3.83 16.87 9.28
CA GLU A 334 -5.28 17.11 9.29
C GLU A 334 -6.00 16.34 10.39
N GLY A 335 -5.53 15.14 10.73
CA GLY A 335 -6.29 14.30 11.61
C GLY A 335 -5.94 14.30 13.08
N SER A 336 -4.76 14.83 13.43
CA SER A 336 -4.31 14.78 14.83
C SER A 336 -5.32 15.40 15.77
N TYR A 337 -5.90 16.54 15.38
CA TYR A 337 -6.87 17.26 16.22
C TYR A 337 -8.00 16.36 16.67
N PHE A 338 -8.52 15.52 15.76
CA PHE A 338 -9.74 14.77 16.02
C PHE A 338 -9.51 13.58 16.94
N LEU A 339 -8.27 13.15 17.11
CA LEU A 339 -8.01 11.95 17.89
C LEU A 339 -8.43 12.10 19.34
N VAL A 340 -8.30 13.32 19.91
CA VAL A 340 -8.51 13.52 21.35
C VAL A 340 -9.98 13.70 21.66
N TYR A 341 -10.83 13.55 20.66
CA TYR A 341 -12.27 13.66 20.83
C TYR A 341 -12.99 12.34 20.67
N GLY A 342 -12.36 11.22 21.03
CA GLY A 342 -13.05 9.95 20.87
C GLY A 342 -12.19 8.71 20.78
N VAL A 343 -10.97 8.81 20.26
CA VAL A 343 -10.13 7.61 20.22
C VAL A 343 -9.46 7.43 21.58
N PRO A 344 -9.71 6.33 22.29
CA PRO A 344 -9.06 6.13 23.59
C PRO A 344 -7.55 5.93 23.47
N GLY A 345 -6.81 6.57 24.38
CA GLY A 345 -5.37 6.64 24.34
C GLY A 345 -4.84 8.01 24.00
N PHE A 346 -5.70 8.90 23.51
CA PHE A 346 -5.27 10.21 23.04
C PHE A 346 -5.72 11.31 23.98
N SER A 347 -4.81 12.25 24.26
CA SER A 347 -5.10 13.44 25.04
C SER A 347 -4.21 14.58 24.56
N LYS A 348 -4.65 15.81 24.83
CA LYS A 348 -3.77 16.94 24.60
C LYS A 348 -2.67 17.03 25.64
N ASP A 349 -2.75 16.25 26.71
CA ASP A 349 -1.96 16.47 27.90
C ASP A 349 -0.81 15.49 28.10
N ASN A 350 -0.95 14.24 27.66
CA ASN A 350 0.18 13.34 27.58
C ASN A 350 0.58 13.24 26.11
N GLU A 351 1.48 12.31 25.78
CA GLU A 351 2.01 12.23 24.42
C GLU A 351 1.27 11.23 23.54
N SER A 352 0.22 10.61 24.08
CA SER A 352 -0.74 9.83 23.30
C SER A 352 -0.09 8.64 22.60
N LEU A 353 0.98 8.09 23.18
CA LEU A 353 1.50 6.84 22.65
C LEU A 353 0.48 5.73 22.89
N ILE A 354 0.14 4.99 21.84
CA ILE A 354 -0.94 4.03 21.91
C ILE A 354 -0.41 2.62 21.62
N SER A 355 -1.25 1.64 21.88
CA SER A 355 -0.90 0.26 21.61
C SER A 355 -1.53 -0.19 20.29
N ARG A 356 -0.97 -1.25 19.75
CA ARG A 356 -1.57 -1.92 18.60
C ARG A 356 -3.05 -2.14 18.82
N ALA A 357 -3.44 -2.56 20.02
CA ALA A 357 -4.85 -2.78 20.28
C ALA A 357 -5.62 -1.48 20.14
N GLN A 358 -5.08 -0.40 20.70
CA GLN A 358 -5.74 0.89 20.63
C GLN A 358 -5.77 1.44 19.21
N PHE A 359 -4.79 1.08 18.38
CA PHE A 359 -4.82 1.49 16.99
C PHE A 359 -5.95 0.78 16.25
N LEU A 360 -6.14 -0.51 16.53
CA LEU A 360 -7.21 -1.25 15.88
C LEU A 360 -8.57 -0.71 16.29
N ALA A 361 -8.77 -0.50 17.59
CA ALA A 361 -10.01 0.13 18.05
C ALA A 361 -10.22 1.49 17.41
N GLY A 362 -9.15 2.29 17.29
CA GLY A 362 -9.26 3.61 16.70
C GLY A 362 -9.62 3.57 15.22
N VAL A 363 -9.18 2.54 14.49
CA VAL A 363 -9.46 2.48 13.07
C VAL A 363 -10.94 2.27 12.82
N ARG A 364 -11.62 1.58 13.74
CA ARG A 364 -13.05 1.38 13.63
C ARG A 364 -13.82 2.61 14.04
N ILE A 365 -13.23 3.46 14.87
CA ILE A 365 -13.89 4.71 15.21
C ILE A 365 -13.63 5.75 14.12
N GLY A 366 -12.40 5.76 13.58
CA GLY A 366 -12.07 6.71 12.52
C GLY A 366 -12.70 6.35 11.19
N VAL A 367 -12.90 5.07 10.91
CA VAL A 367 -13.59 4.66 9.69
C VAL A 367 -14.88 3.96 10.10
N PRO A 368 -15.86 4.66 10.70
CA PRO A 368 -16.99 3.98 11.32
C PRO A 368 -17.83 3.19 10.35
N GLN A 369 -17.69 3.41 9.05
CA GLN A 369 -18.50 2.72 8.06
C GLN A 369 -17.81 1.49 7.50
N ALA A 370 -16.65 1.12 8.03
CA ALA A 370 -15.84 0.05 7.44
C ALA A 370 -16.26 -1.31 7.98
N SER A 371 -16.49 -2.24 7.07
CA SER A 371 -16.61 -3.66 7.40
C SER A 371 -15.31 -4.17 8.04
N ASP A 372 -15.43 -5.33 8.68
CA ASP A 372 -14.26 -5.97 9.27
C ASP A 372 -13.14 -6.11 8.26
N LEU A 373 -13.47 -6.47 7.02
CA LEU A 373 -12.41 -6.63 6.02
C LEU A 373 -11.81 -5.27 5.65
N ALA A 374 -12.66 -4.30 5.31
CA ALA A 374 -12.15 -2.98 4.95
C ALA A 374 -11.32 -2.39 6.07
N ALA A 375 -11.78 -2.55 7.32
CA ALA A 375 -10.99 -2.10 8.46
C ALA A 375 -9.61 -2.77 8.46
N GLU A 376 -9.56 -4.05 8.09
CA GLU A 376 -8.26 -4.74 8.01
C GLU A 376 -7.36 -4.07 7.00
N ALA A 377 -7.83 -3.92 5.76
CA ALA A 377 -7.04 -3.26 4.72
C ALA A 377 -6.39 -1.97 5.22
N VAL A 378 -7.16 -1.13 5.93
CA VAL A 378 -6.64 0.12 6.49
C VAL A 378 -5.50 -0.18 7.44
N VAL A 379 -5.70 -1.15 8.33
CA VAL A 379 -4.66 -1.51 9.29
C VAL A 379 -3.42 -2.01 8.59
N LEU A 380 -3.59 -2.83 7.53
CA LEU A 380 -2.41 -3.35 6.85
C LEU A 380 -1.69 -2.25 6.09
N HIS A 381 -2.45 -1.37 5.45
CA HIS A 381 -1.80 -0.31 4.67
C HIS A 381 -1.05 0.66 5.57
N TYR A 382 -1.54 0.92 6.77
CA TYR A 382 -0.96 1.97 7.60
C TYR A 382 0.01 1.45 8.66
N THR A 383 0.09 0.13 8.85
CA THR A 383 1.10 -0.40 9.76
C THR A 383 2.49 -0.21 9.16
N ASP A 384 3.46 0.12 10.01
CA ASP A 384 4.87 0.04 9.62
C ASP A 384 5.38 -1.35 10.02
N TRP A 385 5.54 -2.22 9.03
CA TRP A 385 5.79 -3.61 9.36
C TRP A 385 7.20 -3.87 9.89
N LEU A 386 8.07 -2.87 9.91
CA LEU A 386 9.34 -2.95 10.61
C LEU A 386 9.25 -2.57 12.09
N HIS A 387 8.21 -1.85 12.49
CA HIS A 387 7.99 -1.47 13.88
C HIS A 387 6.49 -1.50 14.16
N PRO A 388 5.83 -2.63 13.90
CA PRO A 388 4.35 -2.66 13.94
C PRO A 388 3.76 -2.43 15.32
N GLU A 389 4.60 -2.18 16.31
CA GLU A 389 4.10 -1.87 17.63
C GLU A 389 4.78 -0.67 18.27
N ASP A 390 5.56 0.13 17.52
CA ASP A 390 6.08 1.37 18.10
C ASP A 390 4.89 2.25 18.41
N PRO A 391 4.65 2.56 19.68
CA PRO A 391 3.49 3.38 20.02
C PRO A 391 3.57 4.77 19.44
N THR A 392 4.76 5.32 19.23
CA THR A 392 4.81 6.63 18.61
C THR A 392 4.34 6.56 17.18
N HIS A 393 4.71 5.51 16.47
CA HIS A 393 4.31 5.46 15.07
C HIS A 393 2.85 5.03 14.90
N LEU A 394 2.30 4.26 15.83
CA LEU A 394 0.87 3.94 15.74
C LEU A 394 0.01 5.16 16.05
N ARG A 395 0.52 6.06 16.88
CA ARG A 395 -0.16 7.31 17.13
C ARG A 395 -0.19 8.16 15.86
N ASP A 396 0.96 8.32 15.20
CA ASP A 396 0.98 9.12 13.99
C ASP A 396 0.20 8.45 12.87
N ALA A 397 0.16 7.11 12.85
CA ALA A 397 -0.61 6.41 11.84
C ALA A 397 -2.10 6.61 12.07
N MET A 398 -2.54 6.51 13.33
CA MET A 398 -3.93 6.86 13.65
C MET A 398 -4.25 8.27 13.18
N SER A 399 -3.36 9.23 13.45
CA SER A 399 -3.56 10.57 12.93
C SER A 399 -3.65 10.57 11.41
N ALA A 400 -2.80 9.77 10.75
CA ALA A 400 -2.77 9.77 9.29
C ALA A 400 -4.01 9.11 8.71
N VAL A 401 -4.55 8.09 9.38
CA VAL A 401 -5.76 7.45 8.87
C VAL A 401 -6.90 8.46 8.80
N VAL A 402 -7.12 9.16 9.92
CA VAL A 402 -8.25 10.07 10.01
C VAL A 402 -8.06 11.26 9.07
N GLY A 403 -6.85 11.82 9.05
CA GLY A 403 -6.59 12.94 8.14
C GLY A 403 -6.79 12.57 6.69
N ASP A 404 -6.21 11.44 6.28
CA ASP A 404 -6.28 11.00 4.90
C ASP A 404 -7.72 10.70 4.49
N HIS A 405 -8.45 9.99 5.34
CA HIS A 405 -9.78 9.54 4.97
C HIS A 405 -10.76 10.71 4.87
N ASN A 406 -10.62 11.71 5.73
CA ASN A 406 -11.61 12.77 5.78
C ASN A 406 -11.23 14.02 5.00
N VAL A 407 -9.94 14.29 4.76
CA VAL A 407 -9.57 15.54 4.09
C VAL A 407 -8.59 15.31 2.95
N VAL A 408 -7.36 14.84 3.26
CA VAL A 408 -6.27 14.76 2.27
C VAL A 408 -6.69 13.99 1.02
N CYS A 409 -7.53 12.98 1.16
CA CYS A 409 -7.84 12.21 -0.04
C CYS A 409 -9.14 12.66 -0.69
N PRO A 410 -10.14 13.13 0.07
CA PRO A 410 -11.24 13.84 -0.60
C PRO A 410 -10.78 15.07 -1.33
N VAL A 411 -9.77 15.78 -0.83
CA VAL A 411 -9.28 16.96 -1.54
C VAL A 411 -8.47 16.55 -2.77
N ALA A 412 -7.54 15.60 -2.59
CA ALA A 412 -6.77 15.07 -3.71
C ALA A 412 -7.70 14.59 -4.82
N GLN A 413 -8.75 13.85 -4.43
CA GLN A 413 -9.74 13.40 -5.40
C GLN A 413 -10.39 14.57 -6.14
N LEU A 414 -10.79 15.61 -5.40
CA LEU A 414 -11.48 16.73 -6.03
C LEU A 414 -10.54 17.49 -6.96
N ALA A 415 -9.32 17.77 -6.51
CA ALA A 415 -8.34 18.41 -7.38
C ALA A 415 -8.12 17.61 -8.66
N GLY A 416 -8.15 16.28 -8.56
CA GLY A 416 -7.90 15.47 -9.74
C GLY A 416 -9.04 15.49 -10.73
N ARG A 417 -10.29 15.47 -10.26
CA ARG A 417 -11.42 15.53 -11.17
C ARG A 417 -11.54 16.91 -11.81
N LEU A 418 -11.52 17.98 -11.01
CA LEU A 418 -11.62 19.30 -11.60
C LEU A 418 -10.53 19.52 -12.64
N ALA A 419 -9.31 19.10 -12.34
CA ALA A 419 -8.21 19.29 -13.28
C ALA A 419 -8.49 18.52 -14.57
N ALA A 420 -8.87 17.26 -14.45
CA ALA A 420 -9.21 16.50 -15.63
C ALA A 420 -10.46 17.03 -16.33
N GLN A 421 -11.17 18.00 -15.75
CA GLN A 421 -12.44 18.41 -16.36
C GLN A 421 -12.51 19.91 -16.57
N GLY A 422 -11.37 20.55 -16.82
CA GLY A 422 -11.34 21.88 -17.36
C GLY A 422 -10.94 22.96 -16.38
N ALA A 423 -11.04 22.71 -15.09
CA ALA A 423 -10.83 23.78 -14.14
C ALA A 423 -9.35 24.10 -14.01
N ARG A 424 -9.06 25.35 -13.64
CA ARG A 424 -7.72 25.74 -13.28
C ARG A 424 -7.58 25.52 -11.78
N VAL A 425 -6.71 24.59 -11.39
CA VAL A 425 -6.54 24.19 -10.00
C VAL A 425 -5.16 24.64 -9.53
N TYR A 426 -5.10 25.24 -8.35
CA TYR A 426 -3.85 25.52 -7.66
C TYR A 426 -3.88 24.81 -6.32
N ALA A 427 -2.83 24.03 -6.02
CA ALA A 427 -2.84 23.16 -4.84
C ALA A 427 -1.66 23.48 -3.94
N TYR A 428 -1.91 23.42 -2.62
CA TYR A 428 -0.89 23.72 -1.62
C TYR A 428 -1.00 22.72 -0.48
N ILE A 429 0.10 22.56 0.26
CA ILE A 429 0.11 21.99 1.60
C ILE A 429 0.68 23.05 2.54
N PHE A 430 0.01 23.24 3.67
CA PHE A 430 0.41 24.24 4.65
C PHE A 430 1.19 23.52 5.75
N GLU A 431 2.46 23.88 5.91
CA GLU A 431 3.37 23.09 6.74
C GLU A 431 3.93 23.83 7.94
N HIS A 432 3.70 25.13 8.07
CA HIS A 432 4.28 25.89 9.16
C HIS A 432 3.38 25.86 10.38
N ARG A 433 3.95 25.55 11.52
CA ARG A 433 3.19 25.43 12.75
C ARG A 433 3.41 26.68 13.59
N ALA A 434 2.32 27.38 13.91
CA ALA A 434 2.41 28.68 14.56
C ALA A 434 3.13 28.57 15.89
N SER A 435 4.10 29.44 16.11
CA SER A 435 4.80 29.49 17.39
C SER A 435 3.83 29.67 18.55
N THR A 436 2.73 30.38 18.32
CA THR A 436 1.74 30.75 19.34
C THR A 436 0.78 29.62 19.72
N LEU A 437 0.98 28.43 19.17
CA LEU A 437 -0.06 27.40 19.21
C LEU A 437 0.01 26.61 20.51
N THR A 438 -1.16 26.36 21.11
CA THR A 438 -1.24 25.78 22.45
C THR A 438 -1.55 24.29 22.45
N TRP A 439 -1.70 23.67 21.28
CA TRP A 439 -1.84 22.21 21.25
C TRP A 439 -0.46 21.55 21.36
N PRO A 440 -0.42 20.28 21.80
CA PRO A 440 0.86 19.59 21.92
C PRO A 440 1.56 19.48 20.59
N LEU A 441 2.88 19.27 20.65
CA LEU A 441 3.66 19.22 19.42
C LEU A 441 3.36 17.99 18.62
N TRP A 442 2.93 16.91 19.26
CA TRP A 442 2.71 15.68 18.52
C TRP A 442 1.58 15.85 17.52
N MET A 443 0.70 16.83 17.74
CA MET A 443 -0.39 17.08 16.81
C MET A 443 0.07 17.81 15.55
N GLY A 444 1.33 18.25 15.50
CA GLY A 444 1.86 18.81 14.25
C GLY A 444 1.21 20.13 13.92
N VAL A 445 0.81 20.28 12.65
CA VAL A 445 0.02 21.42 12.16
C VAL A 445 -1.44 20.98 12.07
N PRO A 446 -2.25 21.24 13.10
CA PRO A 446 -3.59 20.69 13.13
C PRO A 446 -4.58 21.41 12.23
N HIS A 447 -5.66 20.69 11.93
CA HIS A 447 -6.82 21.16 11.19
C HIS A 447 -7.26 22.53 11.68
N GLY A 448 -7.30 23.49 10.75
CA GLY A 448 -7.77 24.82 11.04
C GLY A 448 -6.72 25.85 11.39
N TYR A 449 -5.43 25.50 11.35
CA TYR A 449 -4.40 26.40 11.88
C TYR A 449 -3.58 27.06 10.79
N GLU A 450 -4.07 27.04 9.55
CA GLU A 450 -3.63 27.99 8.54
C GLU A 450 -4.40 29.30 8.61
N ILE A 451 -5.60 29.28 9.19
CA ILE A 451 -6.57 30.34 9.02
C ILE A 451 -6.04 31.66 9.59
N GLU A 452 -5.50 31.60 10.81
CA GLU A 452 -4.92 32.79 11.42
C GLU A 452 -3.82 33.39 10.55
N PHE A 453 -3.21 32.61 9.67
CA PHE A 453 -2.20 33.18 8.79
C PHE A 453 -2.79 33.75 7.51
N ILE A 454 -3.84 33.15 6.96
CA ILE A 454 -4.46 33.70 5.76
C ILE A 454 -5.09 35.05 6.06
N PHE A 455 -5.73 35.17 7.22
CA PHE A 455 -6.38 36.39 7.65
C PHE A 455 -5.38 37.42 8.19
N GLY A 456 -4.12 37.04 8.35
CA GLY A 456 -3.08 37.99 8.69
C GLY A 456 -3.04 38.43 10.14
N LEU A 457 -3.53 37.60 11.05
CA LEU A 457 -3.41 37.92 12.47
C LEU A 457 -1.98 38.20 12.92
N PRO A 458 -0.94 37.53 12.40
CA PRO A 458 0.41 37.80 12.90
C PRO A 458 0.92 39.20 12.59
N LEU A 459 0.19 40.00 11.81
CA LEU A 459 0.54 41.42 11.62
C LEU A 459 0.13 42.27 12.82
N ASP A 460 -0.65 41.73 13.75
CA ASP A 460 -1.01 42.39 14.99
C ASP A 460 0.13 42.23 15.99
N PRO A 461 0.88 43.30 16.28
CA PRO A 461 2.09 43.11 17.10
C PRO A 461 1.76 42.64 18.49
N SER A 462 0.59 42.94 18.98
CA SER A 462 0.17 42.48 20.29
C SER A 462 -0.10 41.00 20.35
N LEU A 463 0.17 40.21 19.31
CA LEU A 463 -0.16 38.80 19.34
C LEU A 463 1.05 37.92 19.52
N ASN A 464 2.23 38.50 19.73
CA ASN A 464 3.42 37.74 20.14
C ASN A 464 3.84 36.70 19.08
N TYR A 465 3.47 36.88 17.81
CA TYR A 465 4.04 36.04 16.76
C TYR A 465 5.50 36.44 16.53
N THR A 466 6.12 35.83 15.53
CA THR A 466 7.52 36.08 15.22
C THR A 466 7.59 36.90 13.94
N THR A 467 8.75 37.52 13.71
CA THR A 467 8.87 38.38 12.54
C THR A 467 8.65 37.61 11.24
N GLU A 468 9.28 36.43 11.11
CA GLU A 468 9.07 35.66 9.88
C GLU A 468 7.62 35.23 9.76
N GLU A 469 6.97 34.95 10.89
CA GLU A 469 5.54 34.67 10.84
C GLU A 469 4.77 35.87 10.31
N ARG A 470 5.22 37.09 10.63
CA ARG A 470 4.63 38.28 10.03
C ARG A 470 4.85 38.28 8.52
N ILE A 471 6.10 38.23 8.09
CA ILE A 471 6.40 38.23 6.66
C ILE A 471 5.65 37.11 5.96
N PHE A 472 5.59 35.94 6.61
CA PHE A 472 4.94 34.78 6.01
C PHE A 472 3.46 35.04 5.77
N ALA A 473 2.79 35.66 6.74
CA ALA A 473 1.36 35.92 6.60
C ALA A 473 1.09 36.87 5.44
N GLN A 474 1.96 37.86 5.24
CA GLN A 474 1.79 38.76 4.11
C GLN A 474 1.94 38.02 2.80
N ARG A 475 2.85 37.03 2.76
CA ARG A 475 3.01 36.24 1.55
C ARG A 475 1.72 35.53 1.20
N LEU A 476 1.01 35.01 2.20
CA LEU A 476 -0.17 34.22 1.90
C LEU A 476 -1.37 35.10 1.61
N MET A 477 -1.51 36.20 2.35
CA MET A 477 -2.49 37.22 1.99
C MET A 477 -2.33 37.63 0.54
N LYS A 478 -1.08 37.84 0.09
CA LYS A 478 -0.84 38.18 -1.30
C LYS A 478 -1.28 37.04 -2.23
N TYR A 479 -0.92 35.79 -1.88
CA TYR A 479 -1.34 34.63 -2.68
C TYR A 479 -2.85 34.57 -2.76
N TRP A 480 -3.53 34.66 -1.62
CA TRP A 480 -4.97 34.54 -1.58
C TRP A 480 -5.67 35.68 -2.32
N THR A 481 -5.20 36.93 -2.17
CA THR A 481 -5.87 38.03 -2.86
C THR A 481 -5.52 38.08 -4.34
N ASN A 482 -4.28 37.76 -4.72
CA ASN A 482 -3.98 37.69 -6.15
C ASN A 482 -4.85 36.65 -6.84
N PHE A 483 -5.09 35.52 -6.18
CA PHE A 483 -6.01 34.53 -6.76
C PHE A 483 -7.43 35.10 -6.84
N ALA A 484 -7.83 35.91 -5.84
CA ALA A 484 -9.14 36.53 -5.86
C ALA A 484 -9.27 37.51 -7.02
N ARG A 485 -8.24 38.34 -7.21
CA ARG A 485 -8.28 39.33 -8.29
C ARG A 485 -8.21 38.70 -9.67
N THR A 486 -7.30 37.74 -9.86
CA THR A 486 -6.89 37.31 -11.19
C THR A 486 -7.11 35.82 -11.50
N GLY A 487 -7.48 34.99 -10.52
CA GLY A 487 -7.49 33.56 -10.76
C GLY A 487 -6.12 32.91 -10.67
N ASP A 488 -5.12 33.65 -10.21
CA ASP A 488 -3.74 33.22 -10.17
C ASP A 488 -3.09 33.79 -8.91
N PRO A 489 -2.57 32.93 -8.03
CA PRO A 489 -1.92 33.44 -6.82
C PRO A 489 -0.58 34.08 -7.09
N ASN A 490 0.02 33.85 -8.25
CA ASN A 490 1.33 34.41 -8.53
C ASN A 490 1.22 35.91 -8.71
N ASP A 491 2.25 36.63 -8.26
CA ASP A 491 2.22 38.08 -8.39
C ASP A 491 2.43 38.47 -9.84
N PRO A 492 1.66 39.44 -10.36
CA PRO A 492 1.84 39.85 -11.76
C PRO A 492 3.27 40.28 -12.07
N ARG A 493 3.90 41.01 -11.13
CA ARG A 493 5.29 41.44 -11.26
C ARG A 493 6.24 40.38 -10.73
N ASP A 494 6.31 40.26 -9.39
CA ASP A 494 7.35 39.55 -8.64
C ASP A 494 7.83 38.29 -9.34
N SER A 495 8.82 38.44 -10.22
CA SER A 495 9.37 37.34 -10.99
C SER A 495 10.55 36.68 -10.31
N LYS A 496 11.15 37.34 -9.31
CA LYS A 496 12.27 36.75 -8.58
C LYS A 496 11.82 35.55 -7.76
N SER A 497 10.76 35.71 -6.96
CA SER A 497 10.25 34.59 -6.16
C SER A 497 9.69 33.50 -7.07
N PRO A 498 9.78 32.24 -6.64
CA PRO A 498 9.38 31.13 -7.53
C PRO A 498 7.89 31.13 -7.80
N GLN A 499 7.53 30.52 -8.93
CA GLN A 499 6.16 30.48 -9.40
C GLN A 499 5.42 29.24 -8.90
N TRP A 500 4.09 29.32 -8.93
CA TRP A 500 3.21 28.28 -8.40
C TRP A 500 2.45 27.67 -9.58
N PRO A 501 2.83 26.49 -10.06
CA PRO A 501 2.17 25.94 -11.24
C PRO A 501 0.77 25.50 -10.94
N PRO A 502 -0.15 25.59 -11.90
CA PRO A 502 -1.43 24.88 -11.79
C PRO A 502 -1.21 23.40 -11.55
N TYR A 503 -2.15 22.78 -10.85
CA TYR A 503 -2.15 21.34 -10.66
C TYR A 503 -2.77 20.66 -11.86
N THR A 504 -2.08 19.66 -12.41
CA THR A 504 -2.52 18.96 -13.61
C THR A 504 -2.55 17.46 -13.36
N THR A 505 -3.37 16.77 -14.17
CA THR A 505 -3.32 15.31 -14.20
C THR A 505 -1.89 14.83 -14.49
N ALA A 506 -1.25 15.45 -15.49
CA ALA A 506 0.11 15.13 -15.91
C ALA A 506 1.12 15.24 -14.78
N ALA A 507 1.45 16.46 -14.41
CA ALA A 507 2.59 16.69 -13.54
C ALA A 507 2.23 16.69 -12.06
N GLN A 508 0.95 16.67 -11.72
CA GLN A 508 0.45 16.63 -10.35
C GLN A 508 1.24 17.54 -9.41
N GLN A 509 1.34 18.81 -9.78
CA GLN A 509 2.17 19.72 -9.02
C GLN A 509 1.38 20.46 -7.96
N TYR A 510 2.06 20.75 -6.85
CA TYR A 510 1.52 21.51 -5.74
C TYR A 510 2.69 22.21 -5.07
N VAL A 511 2.39 23.21 -4.26
CA VAL A 511 3.45 23.96 -3.59
C VAL A 511 3.34 23.71 -2.10
N SER A 512 4.44 23.90 -1.41
CA SER A 512 4.44 23.91 0.04
C SER A 512 4.39 25.36 0.52
N LEU A 513 3.62 25.62 1.56
CA LEU A 513 3.53 26.93 2.17
C LEU A 513 4.16 26.85 3.55
N ASN A 514 5.31 27.49 3.71
CA ASN A 514 5.97 27.56 5.01
C ASN A 514 6.89 28.78 5.00
N LEU A 515 7.71 28.90 6.04
CA LEU A 515 8.57 30.06 6.21
C LEU A 515 9.59 30.22 5.09
N LYS A 516 9.84 29.16 4.33
CA LYS A 516 10.78 29.10 3.23
C LYS A 516 10.07 29.42 1.92
N PRO A 517 10.81 29.79 0.88
CA PRO A 517 10.14 30.13 -0.38
C PRO A 517 9.38 28.93 -0.93
N LEU A 518 8.39 29.25 -1.77
CA LEU A 518 7.57 28.26 -2.45
C LEU A 518 8.40 27.14 -3.04
N GLU A 519 8.10 25.91 -2.66
CA GLU A 519 8.80 24.75 -3.19
C GLU A 519 7.78 23.82 -3.82
N VAL A 520 8.05 23.38 -5.05
CA VAL A 520 7.08 22.64 -5.85
C VAL A 520 7.31 21.16 -5.68
N ARG A 521 6.23 20.41 -5.48
CA ARG A 521 6.31 18.97 -5.32
C ARG A 521 5.32 18.31 -6.26
N ARG A 522 5.35 16.99 -6.28
CA ARG A 522 4.47 16.22 -7.16
C ARG A 522 3.74 15.18 -6.35
N GLY A 523 2.50 14.91 -6.74
CA GLY A 523 1.71 13.86 -6.12
C GLY A 523 1.00 14.29 -4.85
N LEU A 524 -0.33 14.23 -4.88
CA LEU A 524 -1.17 14.56 -3.72
C LEU A 524 -1.43 13.27 -2.95
N ARG A 525 -0.44 12.88 -2.15
CA ARG A 525 -0.46 11.61 -1.45
C ARG A 525 -0.97 10.50 -2.37
N ALA A 526 -0.34 10.41 -3.55
CA ALA A 526 -0.94 9.69 -4.66
C ALA A 526 -1.15 8.20 -4.35
N GLN A 527 -0.11 7.51 -3.85
CA GLN A 527 -0.23 6.08 -3.56
C GLN A 527 -1.31 5.79 -2.53
N THR A 528 -1.26 6.48 -1.39
CA THR A 528 -2.22 6.21 -0.32
C THR A 528 -3.64 6.64 -0.69
N CYS A 529 -3.82 7.66 -1.52
CA CYS A 529 -5.19 8.02 -1.84
C CYS A 529 -5.80 7.08 -2.88
N ALA A 530 -4.97 6.38 -3.64
CA ALA A 530 -5.48 5.31 -4.49
C ALA A 530 -6.15 4.24 -3.68
N PHE A 531 -5.63 3.96 -2.48
CA PHE A 531 -6.31 3.04 -1.59
C PHE A 531 -7.67 3.60 -1.19
N TRP A 532 -7.69 4.84 -0.71
CA TRP A 532 -8.91 5.45 -0.19
C TRP A 532 -9.91 5.77 -1.28
N ASN A 533 -9.44 6.22 -2.45
CA ASN A 533 -10.38 6.70 -3.45
C ASN A 533 -10.68 5.71 -4.56
N ARG A 534 -9.85 4.69 -4.75
CA ARG A 534 -10.10 3.69 -5.78
C ARG A 534 -10.40 2.31 -5.24
N PHE A 535 -9.58 1.79 -4.32
CA PHE A 535 -9.78 0.41 -3.88
C PHE A 535 -10.90 0.32 -2.85
N LEU A 536 -10.82 1.14 -1.80
CA LEU A 536 -11.79 1.01 -0.71
C LEU A 536 -13.24 1.03 -1.17
N PRO A 537 -13.66 1.88 -2.11
CA PRO A 537 -15.07 1.84 -2.54
C PRO A 537 -15.48 0.49 -3.10
N LYS A 538 -14.68 -0.08 -4.01
CA LYS A 538 -14.98 -1.39 -4.57
C LYS A 538 -15.03 -2.47 -3.48
N LEU A 539 -14.13 -2.41 -2.50
CA LEU A 539 -14.15 -3.36 -1.40
C LEU A 539 -15.43 -3.27 -0.59
N LEU A 540 -15.92 -2.06 -0.36
CA LEU A 540 -17.10 -1.84 0.47
C LEU A 540 -18.42 -2.19 -0.24
N SER A 541 -18.40 -2.51 -1.53
CA SER A 541 -19.51 -3.25 -2.15
C SER A 541 -19.16 -4.74 -2.15
N ALA A 542 -19.16 -5.30 -0.94
CA ALA A 542 -18.84 -6.69 -0.71
C ALA A 542 -19.08 -7.00 0.77
N GLU B 4 45.65 -48.01 -12.29
CA GLU B 4 44.59 -48.17 -11.30
C GLU B 4 44.85 -47.33 -10.04
N ASP B 5 44.43 -46.05 -10.09
CA ASP B 5 44.65 -45.03 -9.06
C ASP B 5 43.74 -45.22 -7.86
N PRO B 6 44.27 -45.69 -6.73
CA PRO B 6 43.40 -46.08 -5.60
C PRO B 6 42.58 -44.95 -5.01
N GLN B 7 42.93 -43.69 -5.26
CA GLN B 7 42.05 -42.62 -4.78
C GLN B 7 40.74 -42.60 -5.54
N LEU B 8 40.67 -43.23 -6.71
CA LEU B 8 39.45 -43.28 -7.49
C LEU B 8 38.68 -44.58 -7.30
N LEU B 9 39.03 -45.36 -6.29
CA LEU B 9 38.37 -46.63 -6.02
C LEU B 9 37.68 -46.54 -4.67
N VAL B 10 36.37 -46.73 -4.65
CA VAL B 10 35.59 -46.62 -3.43
C VAL B 10 34.69 -47.85 -3.32
N ARG B 11 34.54 -48.36 -2.10
CA ARG B 11 33.66 -49.47 -1.78
C ARG B 11 32.49 -48.96 -0.95
N VAL B 12 31.37 -48.70 -1.62
CA VAL B 12 30.12 -48.46 -0.91
C VAL B 12 29.45 -49.81 -0.72
N ARG B 13 28.31 -49.81 -0.06
CA ARG B 13 27.74 -51.03 0.43
C ARG B 13 27.20 -51.94 -0.66
N GLY B 14 27.02 -51.44 -1.87
CA GLY B 14 26.52 -52.24 -2.93
C GLY B 14 27.58 -52.68 -3.90
N GLY B 15 28.83 -52.37 -3.63
CA GLY B 15 29.88 -52.79 -4.51
C GLY B 15 30.95 -51.74 -4.60
N GLN B 16 31.76 -51.86 -5.64
CA GLN B 16 32.91 -50.98 -5.81
C GLN B 16 32.65 -50.00 -6.95
N LEU B 17 33.03 -48.75 -6.72
CA LEU B 17 32.99 -47.70 -7.70
C LEU B 17 34.40 -47.44 -8.19
N ARG B 18 34.50 -47.03 -9.45
CA ARG B 18 35.67 -46.30 -9.93
C ARG B 18 35.25 -44.90 -10.34
N GLY B 19 35.98 -43.91 -9.85
CA GLY B 19 35.73 -42.53 -10.18
C GLY B 19 36.63 -42.05 -11.29
N ILE B 20 36.80 -40.73 -11.35
CA ILE B 20 37.64 -40.12 -12.36
C ILE B 20 38.26 -38.88 -11.76
N ARG B 21 39.52 -38.62 -12.09
CA ARG B 21 40.20 -37.42 -11.62
C ARG B 21 40.03 -36.34 -12.68
N LEU B 22 39.49 -35.20 -12.28
CA LEU B 22 39.29 -34.08 -13.16
C LEU B 22 40.09 -32.88 -12.69
N LYS B 23 40.32 -31.96 -13.62
CA LYS B 23 41.07 -30.74 -13.33
C LYS B 23 40.11 -29.63 -12.93
N ALA B 24 40.27 -29.13 -11.73
CA ALA B 24 39.79 -27.83 -11.30
C ALA B 24 40.93 -26.83 -11.41
N PRO B 25 40.65 -25.53 -11.53
CA PRO B 25 41.71 -24.59 -11.94
C PRO B 25 42.92 -24.57 -11.01
N GLY B 26 42.80 -25.06 -9.77
CA GLY B 26 43.92 -24.96 -8.87
C GLY B 26 44.34 -26.30 -8.31
N GLY B 27 43.81 -27.38 -8.88
CA GLY B 27 44.07 -28.71 -8.37
C GLY B 27 43.07 -29.71 -8.92
N PRO B 28 43.35 -30.99 -8.76
CA PRO B 28 42.43 -32.03 -9.25
C PRO B 28 41.42 -32.42 -8.18
N VAL B 29 40.30 -32.97 -8.66
CA VAL B 29 39.25 -33.47 -7.78
C VAL B 29 38.86 -34.87 -8.22
N SER B 30 38.50 -35.70 -7.24
CA SER B 30 37.86 -36.97 -7.47
C SER B 30 36.38 -36.74 -7.77
N ALA B 31 35.86 -37.41 -8.80
CA ALA B 31 34.45 -37.32 -9.17
C ALA B 31 33.90 -38.72 -9.37
N PHE B 32 32.77 -39.01 -8.76
CA PHE B 32 32.07 -40.29 -8.91
C PHE B 32 30.67 -39.98 -9.45
N LEU B 33 30.55 -39.96 -10.77
CA LEU B 33 29.32 -39.61 -11.46
C LEU B 33 28.55 -40.87 -11.85
N GLY B 34 27.24 -40.89 -11.58
CA GLY B 34 26.36 -41.90 -12.12
C GLY B 34 26.08 -43.07 -11.21
N ILE B 35 26.34 -42.93 -9.92
CA ILE B 35 26.14 -43.98 -8.92
C ILE B 35 24.67 -44.30 -8.78
N PRO B 36 24.23 -45.55 -9.00
CA PRO B 36 22.83 -45.88 -8.75
C PRO B 36 22.54 -45.88 -7.26
N PHE B 37 21.47 -45.18 -6.86
CA PHE B 37 20.98 -45.28 -5.50
C PHE B 37 19.62 -45.96 -5.42
N ALA B 38 18.99 -46.21 -6.56
CA ALA B 38 17.70 -46.87 -6.60
C ALA B 38 17.63 -47.83 -7.78
N GLU B 39 16.81 -48.86 -7.60
CA GLU B 39 16.42 -49.72 -8.70
C GLU B 39 15.67 -48.90 -9.74
N PRO B 40 16.01 -49.04 -11.03
CA PRO B 40 15.40 -48.18 -12.06
C PRO B 40 13.89 -48.23 -11.99
N PRO B 41 13.23 -47.06 -11.85
CA PRO B 41 11.78 -47.01 -11.61
C PRO B 41 10.97 -47.20 -12.89
N VAL B 42 11.38 -48.12 -13.73
CA VAL B 42 10.78 -48.27 -15.04
C VAL B 42 9.70 -49.35 -15.01
N GLY B 43 8.90 -49.38 -16.07
CA GLY B 43 7.83 -50.34 -16.24
C GLY B 43 6.75 -50.25 -15.20
N SER B 44 6.64 -51.31 -14.39
CA SER B 44 5.62 -51.35 -13.37
C SER B 44 5.98 -50.52 -12.15
N ARG B 45 7.24 -50.11 -12.04
CA ARG B 45 7.61 -49.22 -10.96
C ARG B 45 7.43 -47.73 -11.30
N ARG B 46 6.88 -47.43 -12.48
CA ARG B 46 6.41 -46.08 -12.77
C ARG B 46 5.40 -45.64 -11.71
N PHE B 47 5.56 -44.39 -11.26
CA PHE B 47 4.72 -43.70 -10.27
C PHE B 47 4.89 -44.24 -8.86
N MET B 48 5.81 -45.16 -8.63
CA MET B 48 5.85 -45.90 -7.38
C MET B 48 7.01 -45.46 -6.54
N PRO B 49 6.95 -45.64 -5.22
CA PRO B 49 8.09 -45.26 -4.38
C PRO B 49 9.35 -45.96 -4.83
N PRO B 50 10.50 -45.32 -4.69
CA PRO B 50 11.75 -45.96 -5.11
C PRO B 50 12.10 -47.07 -4.15
N GLU B 51 12.94 -48.00 -4.63
CA GLU B 51 13.50 -49.00 -3.72
C GLU B 51 15.02 -49.01 -3.84
N PRO B 52 15.71 -49.39 -2.77
CA PRO B 52 17.18 -49.32 -2.78
C PRO B 52 17.80 -50.19 -3.88
N LYS B 53 18.88 -49.68 -4.47
CA LYS B 53 19.59 -50.36 -5.54
C LYS B 53 20.14 -51.68 -5.04
N ARG B 54 19.96 -52.73 -5.83
CA ARG B 54 20.51 -54.02 -5.46
C ARG B 54 22.02 -54.00 -5.58
N PRO B 55 22.72 -54.82 -4.80
CA PRO B 55 24.19 -54.95 -4.94
C PRO B 55 24.62 -55.31 -6.35
N TRP B 56 25.88 -54.99 -6.65
CA TRP B 56 26.45 -55.31 -7.94
C TRP B 56 27.82 -55.99 -7.76
N SER B 57 28.22 -56.72 -8.79
CA SER B 57 29.50 -57.38 -8.85
C SER B 57 30.50 -56.49 -9.57
N GLY B 58 31.77 -56.83 -9.42
CA GLY B 58 32.80 -56.08 -10.13
C GLY B 58 32.96 -54.65 -9.66
N VAL B 59 33.58 -53.85 -10.52
CA VAL B 59 33.85 -52.47 -10.21
C VAL B 59 33.00 -51.62 -11.14
N LEU B 60 31.97 -51.00 -10.56
CA LEU B 60 31.03 -50.21 -11.35
C LEU B 60 31.69 -48.90 -11.76
N ASP B 61 31.48 -48.54 -13.00
CA ASP B 61 32.10 -47.37 -13.60
C ASP B 61 31.33 -46.12 -13.19
N ALA B 62 31.94 -45.27 -12.36
CA ALA B 62 31.31 -44.02 -11.95
C ALA B 62 32.07 -42.82 -12.49
N THR B 63 32.16 -42.72 -13.83
CA THR B 63 32.96 -41.69 -14.46
C THR B 63 32.18 -40.88 -15.49
N THR B 64 30.89 -41.17 -15.69
CA THR B 64 30.05 -40.38 -16.58
C THR B 64 28.72 -40.05 -15.93
N PHE B 65 28.18 -38.90 -16.31
CA PHE B 65 26.82 -38.57 -15.90
C PHE B 65 25.85 -39.57 -16.51
N GLN B 66 24.99 -40.14 -15.68
CA GLN B 66 23.93 -41.03 -16.15
C GLN B 66 22.86 -40.22 -16.90
N ASN B 67 21.75 -40.87 -17.20
CA ASN B 67 20.67 -40.22 -17.94
C ASN B 67 19.97 -39.17 -17.09
N VAL B 68 19.24 -38.27 -17.76
CA VAL B 68 18.39 -37.27 -17.14
C VAL B 68 16.96 -37.79 -17.07
N CYS B 69 16.30 -37.63 -15.92
CA CYS B 69 14.95 -38.14 -15.75
C CYS B 69 14.02 -37.62 -16.83
N TYR B 70 13.14 -38.50 -17.32
CA TYR B 70 12.34 -38.12 -18.48
C TYR B 70 11.51 -36.88 -18.15
N GLN B 71 11.60 -35.87 -19.00
CA GLN B 71 11.05 -34.56 -18.68
C GLN B 71 10.82 -33.74 -19.92
N TYR B 72 9.90 -32.77 -19.77
CA TYR B 72 9.65 -31.79 -20.82
C TYR B 72 10.91 -31.00 -21.15
N VAL B 73 11.10 -30.71 -22.43
CA VAL B 73 12.27 -29.98 -22.92
C VAL B 73 11.77 -28.69 -23.57
N ASP B 74 12.37 -27.57 -23.17
CA ASP B 74 11.86 -26.26 -23.51
C ASP B 74 12.16 -25.91 -24.96
N THR B 75 11.16 -25.36 -25.65
CA THR B 75 11.26 -25.02 -27.06
C THR B 75 11.24 -23.52 -27.35
N LEU B 76 11.09 -22.67 -26.32
CA LEU B 76 10.77 -21.27 -26.56
C LEU B 76 11.81 -20.57 -27.42
N TYR B 77 13.09 -20.75 -27.11
CA TYR B 77 14.16 -20.10 -27.84
C TYR B 77 15.22 -21.14 -28.16
N PRO B 78 15.01 -21.91 -29.23
CA PRO B 78 15.91 -23.05 -29.52
C PRO B 78 17.30 -22.57 -29.92
N GLY B 79 18.31 -23.04 -29.22
CA GLY B 79 19.67 -22.62 -29.46
C GLY B 79 20.12 -21.45 -28.61
N PHE B 80 19.22 -20.85 -27.83
CA PHE B 80 19.55 -19.71 -26.99
C PHE B 80 20.07 -20.24 -25.67
N GLU B 81 21.32 -19.84 -25.33
CA GLU B 81 22.00 -20.36 -24.14
C GLU B 81 21.15 -20.17 -22.88
N GLY B 82 20.56 -18.99 -22.70
CA GLY B 82 19.79 -18.75 -21.49
C GLY B 82 18.69 -19.76 -21.27
N THR B 83 18.17 -20.34 -22.36
CA THR B 83 17.18 -21.39 -22.31
C THR B 83 17.81 -22.77 -22.26
N GLU B 84 18.80 -22.99 -23.13
CA GLU B 84 19.38 -24.31 -23.27
C GLU B 84 20.17 -24.73 -22.03
N MET B 85 20.72 -23.77 -21.29
CA MET B 85 21.58 -24.11 -20.16
C MET B 85 20.85 -24.88 -19.09
N TRP B 86 19.51 -24.85 -19.12
CA TRP B 86 18.69 -25.62 -18.21
C TRP B 86 18.10 -26.87 -18.86
N ASN B 87 18.22 -27.02 -20.17
CA ASN B 87 17.68 -28.17 -20.86
C ASN B 87 18.49 -29.45 -20.57
N PRO B 88 17.91 -30.63 -20.78
CA PRO B 88 18.62 -31.86 -20.41
C PRO B 88 19.97 -32.00 -21.11
N ASN B 89 20.94 -32.40 -20.32
CA ASN B 89 22.35 -32.54 -20.62
C ASN B 89 22.70 -33.89 -21.23
N ARG B 90 21.81 -34.87 -21.07
CA ARG B 90 22.08 -36.25 -21.41
C ARG B 90 20.80 -36.82 -21.99
N GLU B 91 20.87 -38.08 -22.39
CA GLU B 91 19.69 -38.71 -22.97
C GLU B 91 18.62 -38.85 -21.90
N LEU B 92 17.38 -38.57 -22.28
CA LEU B 92 16.27 -38.78 -21.37
C LEU B 92 16.02 -40.28 -21.17
N SER B 93 15.60 -40.64 -19.96
CA SER B 93 15.31 -42.02 -19.65
C SER B 93 14.52 -42.06 -18.36
N GLU B 94 13.50 -42.92 -18.28
CA GLU B 94 12.88 -43.17 -16.98
C GLU B 94 13.83 -43.85 -16.00
N ASP B 95 14.94 -44.38 -16.48
CA ASP B 95 15.94 -44.95 -15.60
C ASP B 95 16.99 -43.89 -15.38
N CYS B 96 16.85 -43.15 -14.27
CA CYS B 96 17.60 -41.92 -14.02
C CYS B 96 17.97 -41.71 -12.56
N LEU B 97 17.48 -42.54 -11.65
CA LEU B 97 17.78 -42.46 -10.24
C LEU B 97 19.26 -42.71 -9.94
N TYR B 98 20.12 -41.73 -10.26
CA TYR B 98 21.54 -41.77 -9.95
C TYR B 98 21.98 -40.48 -9.26
N LEU B 99 23.11 -40.55 -8.57
CA LEU B 99 23.65 -39.41 -7.86
C LEU B 99 25.13 -39.27 -8.18
N ASN B 100 25.69 -38.10 -7.84
CA ASN B 100 27.07 -37.74 -8.13
C ASN B 100 27.75 -37.27 -6.85
N VAL B 101 29.04 -37.56 -6.73
CA VAL B 101 29.83 -37.17 -5.55
C VAL B 101 31.13 -36.55 -6.04
N TRP B 102 31.40 -35.31 -5.64
CA TRP B 102 32.72 -34.73 -5.81
C TRP B 102 33.40 -34.62 -4.46
N THR B 103 34.69 -34.89 -4.44
CA THR B 103 35.48 -34.75 -3.21
C THR B 103 36.82 -34.15 -3.62
N PRO B 104 37.59 -33.64 -2.67
CA PRO B 104 38.95 -33.22 -3.00
C PRO B 104 39.82 -34.43 -3.32
N TYR B 105 40.86 -34.19 -4.10
CA TYR B 105 41.81 -35.21 -4.52
C TYR B 105 43.17 -34.76 -4.05
N PRO B 106 43.77 -35.49 -3.11
CA PRO B 106 43.34 -36.79 -2.60
C PRO B 106 42.07 -36.73 -1.74
N ARG B 107 41.36 -37.86 -1.66
CA ARG B 107 40.21 -38.07 -0.79
C ARG B 107 40.46 -37.41 0.57
N PRO B 108 39.46 -36.75 1.17
CA PRO B 108 39.68 -36.07 2.46
C PRO B 108 40.30 -37.01 3.48
N ALA B 109 41.24 -36.46 4.24
CA ALA B 109 41.85 -37.17 5.36
C ALA B 109 40.82 -37.36 6.46
N SER B 110 40.44 -36.27 7.11
CA SER B 110 39.46 -36.31 8.18
C SER B 110 38.04 -36.23 7.61
N PRO B 111 37.02 -36.58 8.40
CA PRO B 111 35.63 -36.41 7.94
C PRO B 111 35.34 -34.98 7.54
N THR B 112 34.44 -34.83 6.56
CA THR B 112 34.25 -33.55 5.89
C THR B 112 32.76 -33.26 5.70
N PRO B 113 32.30 -32.04 6.00
CA PRO B 113 30.88 -31.71 5.82
C PRO B 113 30.43 -31.92 4.39
N VAL B 114 29.21 -32.41 4.24
CA VAL B 114 28.64 -32.75 2.94
C VAL B 114 27.59 -31.71 2.59
N LEU B 115 27.68 -31.19 1.38
CA LEU B 115 26.61 -30.39 0.79
C LEU B 115 25.86 -31.25 -0.21
N ILE B 116 24.55 -31.34 -0.08
CA ILE B 116 23.72 -32.08 -1.03
C ILE B 116 22.88 -31.07 -1.79
N TRP B 117 23.04 -31.05 -3.11
CA TRP B 117 22.31 -30.15 -3.99
C TRP B 117 21.06 -30.81 -4.57
N ILE B 118 19.92 -30.13 -4.47
CA ILE B 118 18.65 -30.57 -5.04
C ILE B 118 18.27 -29.53 -6.11
N TYR B 119 18.32 -29.93 -7.38
CA TYR B 119 18.10 -28.95 -8.44
C TYR B 119 16.67 -28.46 -8.49
N GLY B 120 16.48 -27.34 -9.19
CA GLY B 120 15.17 -26.80 -9.48
C GLY B 120 14.71 -27.16 -10.88
N GLY B 121 13.64 -26.49 -11.31
CA GLY B 121 13.02 -26.81 -12.58
C GLY B 121 11.53 -27.01 -12.47
N GLY B 122 10.90 -26.36 -11.49
CA GLY B 122 9.46 -26.39 -11.35
C GLY B 122 8.86 -27.77 -11.10
N PHE B 123 9.64 -28.70 -10.56
CA PHE B 123 9.21 -30.08 -10.38
C PHE B 123 8.82 -30.74 -11.70
N TYR B 124 9.19 -30.18 -12.85
CA TYR B 124 8.87 -30.80 -14.13
C TYR B 124 10.12 -31.00 -14.99
N SER B 125 11.30 -30.73 -14.47
CA SER B 125 12.50 -30.64 -15.28
C SER B 125 13.69 -30.49 -14.35
N GLY B 126 14.87 -30.45 -14.93
CA GLY B 126 16.11 -30.33 -14.20
C GLY B 126 16.90 -31.64 -14.22
N ALA B 127 18.19 -31.51 -13.93
CA ALA B 127 19.10 -32.65 -13.93
C ALA B 127 20.33 -32.28 -13.10
N ALA B 128 20.93 -33.29 -12.47
CA ALA B 128 22.07 -32.98 -11.62
C ALA B 128 23.35 -32.79 -12.40
N SER B 129 23.27 -32.77 -13.73
CA SER B 129 24.44 -32.84 -14.58
C SER B 129 24.70 -31.55 -15.37
N LEU B 130 23.85 -30.53 -15.22
CA LEU B 130 24.09 -29.28 -15.92
C LEU B 130 25.40 -28.66 -15.44
N ASP B 131 26.02 -27.87 -16.30
CA ASP B 131 27.32 -27.27 -15.94
C ASP B 131 27.20 -26.36 -14.74
N VAL B 132 26.09 -25.62 -14.61
CA VAL B 132 25.95 -24.72 -13.48
C VAL B 132 25.91 -25.43 -12.14
N TYR B 133 25.85 -26.78 -12.14
CA TYR B 133 25.87 -27.58 -10.91
C TYR B 133 27.18 -28.35 -10.75
N ASP B 134 28.23 -27.93 -11.47
CA ASP B 134 29.51 -28.62 -11.40
C ASP B 134 30.08 -28.52 -9.98
N GLY B 135 30.25 -29.66 -9.34
CA GLY B 135 30.77 -29.73 -7.98
C GLY B 135 32.26 -29.62 -7.82
N ARG B 136 33.05 -29.53 -8.90
CA ARG B 136 34.50 -29.57 -8.76
C ARG B 136 35.03 -28.34 -8.04
N PHE B 137 34.44 -27.17 -8.28
CA PHE B 137 34.98 -25.95 -7.70
C PHE B 137 34.80 -25.94 -6.20
N LEU B 138 33.61 -26.31 -5.73
CA LEU B 138 33.40 -26.33 -4.29
C LEU B 138 34.25 -27.40 -3.63
N ALA B 139 34.54 -28.51 -4.31
CA ALA B 139 35.36 -29.57 -3.72
C ALA B 139 36.84 -29.21 -3.75
N GLN B 140 37.33 -28.62 -4.84
CA GLN B 140 38.73 -28.22 -4.88
C GLN B 140 39.02 -27.00 -4.01
N VAL B 141 38.16 -25.98 -4.03
CA VAL B 141 38.52 -24.72 -3.39
C VAL B 141 38.21 -24.76 -1.89
N GLU B 142 37.03 -25.22 -1.51
CA GLU B 142 36.66 -25.29 -0.11
C GLU B 142 36.82 -26.67 0.50
N GLY B 143 37.29 -27.65 -0.26
CA GLY B 143 37.49 -28.98 0.28
C GLY B 143 36.22 -29.64 0.77
N ALA B 144 35.09 -29.40 0.11
CA ALA B 144 33.82 -29.96 0.51
C ALA B 144 33.57 -31.28 -0.20
N VAL B 145 32.78 -32.14 0.42
CA VAL B 145 32.15 -33.23 -0.30
C VAL B 145 30.77 -32.76 -0.73
N LEU B 146 30.52 -32.84 -2.02
CA LEU B 146 29.33 -32.31 -2.64
C LEU B 146 28.60 -33.41 -3.40
N VAL B 147 27.32 -33.58 -3.12
CA VAL B 147 26.51 -34.65 -3.68
C VAL B 147 25.30 -34.05 -4.38
N SER B 148 25.09 -34.42 -5.65
CA SER B 148 23.83 -34.11 -6.32
C SER B 148 23.19 -35.40 -6.83
N MET B 149 21.86 -35.47 -6.75
CA MET B 149 21.09 -36.62 -7.23
C MET B 149 20.06 -36.18 -8.25
N ASN B 150 19.72 -37.08 -9.17
CA ASN B 150 18.53 -36.88 -9.97
C ASN B 150 17.33 -37.37 -9.19
N TYR B 151 16.18 -36.79 -9.47
CA TYR B 151 14.92 -37.29 -8.92
C TYR B 151 13.88 -37.15 -10.03
N ARG B 152 12.87 -38.02 -9.96
CA ARG B 152 11.86 -38.04 -11.00
C ARG B 152 11.06 -36.73 -10.97
N VAL B 153 10.94 -36.09 -12.12
CA VAL B 153 10.17 -34.87 -12.26
C VAL B 153 8.89 -35.18 -13.00
N GLY B 154 8.06 -34.16 -13.26
CA GLY B 154 6.80 -34.22 -14.00
C GLY B 154 5.90 -35.34 -13.53
N THR B 155 5.15 -35.90 -14.47
CA THR B 155 4.25 -37.03 -14.18
C THR B 155 4.97 -38.20 -13.50
N PHE B 156 6.25 -38.38 -13.77
CA PHE B 156 6.93 -39.55 -13.22
C PHE B 156 7.23 -39.38 -11.73
N GLY B 157 7.58 -38.16 -11.31
CA GLY B 157 7.84 -37.91 -9.89
C GLY B 157 6.61 -37.59 -9.05
N PHE B 158 5.58 -37.00 -9.67
CA PHE B 158 4.57 -36.34 -8.86
C PHE B 158 3.13 -36.57 -9.27
N LEU B 159 2.85 -37.31 -10.36
CA LEU B 159 1.49 -37.76 -10.62
C LEU B 159 1.02 -38.63 -9.46
N ALA B 160 -0.15 -38.31 -8.92
CA ALA B 160 -0.67 -38.91 -7.71
C ALA B 160 -2.17 -39.13 -7.83
N LEU B 161 -2.60 -40.32 -7.39
CA LEU B 161 -4.01 -40.59 -7.07
C LEU B 161 -4.06 -40.80 -5.57
N PRO B 162 -4.28 -39.73 -4.79
CA PRO B 162 -4.11 -39.85 -3.33
C PRO B 162 -4.92 -41.01 -2.78
N GLY B 163 -4.30 -41.75 -1.87
CA GLY B 163 -4.87 -42.94 -1.30
C GLY B 163 -4.59 -44.20 -2.09
N SER B 164 -4.37 -44.07 -3.39
CA SER B 164 -4.05 -45.25 -4.19
C SER B 164 -2.71 -45.81 -3.76
N ARG B 165 -2.48 -47.06 -4.14
CA ARG B 165 -1.24 -47.74 -3.81
C ARG B 165 -0.20 -47.67 -4.91
N GLU B 166 -0.63 -47.53 -6.17
CA GLU B 166 0.27 -47.55 -7.31
C GLU B 166 0.47 -46.16 -7.91
N ALA B 167 0.17 -45.12 -7.13
CA ALA B 167 0.51 -43.72 -7.39
C ALA B 167 0.22 -42.92 -6.13
N PRO B 168 0.92 -43.19 -5.02
CA PRO B 168 0.60 -42.50 -3.77
C PRO B 168 1.07 -41.06 -3.72
N GLY B 169 1.79 -40.59 -4.74
CA GLY B 169 2.28 -39.24 -4.81
C GLY B 169 3.64 -39.04 -4.14
N ASN B 170 4.30 -37.96 -4.56
CA ASN B 170 5.52 -37.44 -3.95
C ASN B 170 6.74 -38.31 -4.21
N VAL B 171 6.70 -39.21 -5.20
CA VAL B 171 7.78 -40.20 -5.27
C VAL B 171 9.11 -39.53 -5.64
N GLY B 172 9.06 -38.43 -6.40
CA GLY B 172 10.26 -37.64 -6.62
C GLY B 172 10.91 -37.16 -5.33
N LEU B 173 10.10 -36.86 -4.29
CA LEU B 173 10.69 -36.47 -3.01
C LEU B 173 11.25 -37.68 -2.28
N LEU B 174 10.58 -38.82 -2.39
CA LEU B 174 11.15 -40.07 -1.88
C LEU B 174 12.47 -40.38 -2.58
N ASP B 175 12.57 -40.12 -3.89
CA ASP B 175 13.86 -40.25 -4.55
C ASP B 175 14.93 -39.45 -3.82
N GLN B 176 14.68 -38.16 -3.62
CA GLN B 176 15.59 -37.34 -2.84
C GLN B 176 15.86 -37.96 -1.48
N ARG B 177 14.80 -38.31 -0.75
CA ARG B 177 14.97 -38.94 0.57
C ARG B 177 15.87 -40.16 0.49
N LEU B 178 15.71 -40.98 -0.56
CA LEU B 178 16.53 -42.18 -0.66
C LEU B 178 18.00 -41.81 -0.87
N ALA B 179 18.28 -40.84 -1.72
CA ALA B 179 19.67 -40.38 -1.87
C ALA B 179 20.21 -39.80 -0.56
N LEU B 180 19.33 -39.31 0.30
CA LEU B 180 19.80 -38.80 1.59
C LEU B 180 20.19 -39.95 2.51
N GLN B 181 19.43 -41.06 2.49
CA GLN B 181 19.84 -42.26 3.24
C GLN B 181 21.12 -42.84 2.66
N TRP B 182 21.27 -42.77 1.33
CA TRP B 182 22.48 -43.28 0.71
C TRP B 182 23.71 -42.55 1.21
N VAL B 183 23.63 -41.22 1.29
CA VAL B 183 24.73 -40.41 1.79
C VAL B 183 25.06 -40.81 3.22
N GLN B 184 24.04 -41.02 4.05
CA GLN B 184 24.27 -41.50 5.41
C GLN B 184 25.09 -42.78 5.41
N GLU B 185 24.60 -43.79 4.70
CA GLU B 185 25.20 -45.11 4.74
C GLU B 185 26.53 -45.18 4.01
N ASN B 186 26.88 -44.17 3.21
CA ASN B 186 27.98 -44.35 2.27
C ASN B 186 28.98 -43.22 2.20
N ILE B 187 28.61 -41.97 2.55
CA ILE B 187 29.50 -40.85 2.26
C ILE B 187 30.80 -41.00 3.05
N ALA B 188 30.73 -41.63 4.22
CA ALA B 188 31.95 -41.92 4.99
C ALA B 188 33.02 -42.59 4.13
N ALA B 189 32.62 -43.52 3.25
CA ALA B 189 33.56 -44.17 2.34
C ALA B 189 34.28 -43.17 1.44
N PHE B 190 33.74 -41.97 1.27
CA PHE B 190 34.33 -40.96 0.40
C PHE B 190 35.09 -39.89 1.17
N GLY B 191 35.07 -39.96 2.50
CA GLY B 191 35.66 -38.95 3.34
C GLY B 191 34.67 -37.93 3.87
N GLY B 192 33.39 -38.11 3.57
CA GLY B 192 32.39 -37.18 4.04
C GLY B 192 31.90 -37.49 5.44
N ASP B 193 31.43 -36.44 6.13
CA ASP B 193 30.92 -36.60 7.48
C ASP B 193 29.40 -36.80 7.44
N PRO B 194 28.88 -38.01 7.69
CA PRO B 194 27.43 -38.19 7.71
C PRO B 194 26.75 -37.42 8.83
N MET B 195 27.52 -36.90 9.78
CA MET B 195 26.97 -36.13 10.88
C MET B 195 26.93 -34.63 10.60
N SER B 196 27.38 -34.19 9.41
CA SER B 196 27.32 -32.80 8.99
C SER B 196 26.91 -32.77 7.51
N VAL B 197 25.60 -32.85 7.28
CA VAL B 197 25.03 -32.82 5.94
C VAL B 197 24.15 -31.58 5.81
N THR B 198 24.48 -30.70 4.87
CA THR B 198 23.67 -29.53 4.57
C THR B 198 22.96 -29.75 3.24
N LEU B 199 21.63 -29.60 3.23
CA LEU B 199 20.89 -29.57 1.97
C LEU B 199 20.90 -28.16 1.39
N PHE B 200 21.07 -28.03 0.08
CA PHE B 200 20.81 -26.73 -0.53
C PHE B 200 20.27 -26.93 -1.94
N GLY B 201 19.26 -26.15 -2.28
CA GLY B 201 18.66 -26.22 -3.61
C GLY B 201 18.04 -24.89 -3.96
N GLU B 202 17.50 -24.82 -5.18
CA GLU B 202 16.97 -23.57 -5.71
C GLU B 202 15.68 -23.80 -6.49
N SER B 203 14.77 -22.83 -6.39
CA SER B 203 13.43 -22.90 -7.02
C SER B 203 12.70 -24.12 -6.49
N ALA B 204 12.25 -25.05 -7.35
CA ALA B 204 11.62 -26.26 -6.86
C ALA B 204 12.56 -27.02 -5.94
N GLY B 205 13.86 -26.88 -6.15
CA GLY B 205 14.82 -27.52 -5.26
C GLY B 205 14.79 -26.97 -3.85
N ALA B 206 14.66 -25.64 -3.73
CA ALA B 206 14.53 -25.03 -2.40
C ALA B 206 13.23 -25.47 -1.74
N ALA B 207 12.12 -25.44 -2.48
CA ALA B 207 10.89 -26.04 -2.00
C ALA B 207 11.12 -27.47 -1.49
N SER B 208 11.86 -28.29 -2.26
CA SER B 208 12.13 -29.67 -1.84
C SER B 208 12.86 -29.71 -0.51
N VAL B 209 13.99 -29.00 -0.42
CA VAL B 209 14.67 -28.81 0.85
C VAL B 209 13.68 -28.45 1.96
N GLY B 210 12.83 -27.45 1.69
CA GLY B 210 11.83 -27.06 2.67
C GLY B 210 10.94 -28.20 3.09
N MET B 211 10.50 -29.02 2.14
CA MET B 211 9.63 -30.13 2.51
C MET B 211 10.38 -31.21 3.28
N HIS B 212 11.69 -31.36 3.07
CA HIS B 212 12.40 -32.32 3.92
C HIS B 212 12.52 -31.79 5.34
N ILE B 213 12.48 -30.46 5.51
CA ILE B 213 12.43 -29.87 6.85
C ILE B 213 11.12 -30.21 7.53
N LEU B 214 10.04 -30.34 6.76
CA LEU B 214 8.70 -30.48 7.28
C LEU B 214 8.21 -31.92 7.33
N SER B 215 9.05 -32.90 6.96
CA SER B 215 8.66 -34.30 6.93
C SER B 215 9.54 -35.08 7.89
N LEU B 216 8.93 -35.80 8.82
CA LEU B 216 9.67 -36.44 9.89
C LEU B 216 10.73 -37.42 9.42
N PRO B 217 10.43 -38.41 8.55
CA PRO B 217 11.53 -39.33 8.14
C PRO B 217 12.77 -38.66 7.59
N SER B 218 12.61 -37.53 6.87
CA SER B 218 13.77 -36.86 6.28
C SER B 218 14.59 -36.12 7.33
N ARG B 219 13.99 -35.79 8.48
CA ARG B 219 14.63 -34.92 9.47
C ARG B 219 15.79 -35.59 10.20
N SER B 220 15.99 -36.88 10.00
CA SER B 220 17.14 -37.56 10.57
C SER B 220 18.24 -37.77 9.54
N LEU B 221 18.13 -37.11 8.38
CA LEU B 221 19.02 -37.35 7.26
C LEU B 221 19.88 -36.14 6.90
N PHE B 222 19.65 -35.01 7.55
CA PHE B 222 20.43 -33.80 7.29
C PHE B 222 20.40 -32.93 8.54
N HIS B 223 21.30 -31.95 8.59
CA HIS B 223 21.45 -31.09 9.76
C HIS B 223 21.17 -29.63 9.49
N ARG B 224 21.56 -29.10 8.33
CA ARG B 224 21.30 -27.71 7.98
C ARG B 224 20.73 -27.63 6.57
N ALA B 225 20.11 -26.50 6.25
CA ALA B 225 19.36 -26.35 5.01
C ALA B 225 19.60 -24.97 4.42
N VAL B 226 19.60 -24.90 3.10
CA VAL B 226 19.71 -23.66 2.35
C VAL B 226 18.61 -23.67 1.31
N LEU B 227 17.86 -22.57 1.22
CA LEU B 227 16.72 -22.49 0.32
C LEU B 227 16.94 -21.26 -0.53
N GLN B 228 17.33 -21.45 -1.79
CA GLN B 228 17.54 -20.34 -2.70
C GLN B 228 16.32 -20.19 -3.60
N SER B 229 15.62 -19.04 -3.49
CA SER B 229 14.55 -18.65 -4.43
C SER B 229 13.42 -19.68 -4.51
N GLY B 230 13.10 -20.31 -3.40
CA GLY B 230 11.97 -21.22 -3.41
C GLY B 230 11.59 -21.71 -2.02
N THR B 231 10.33 -22.11 -1.84
CA THR B 231 9.81 -22.41 -0.51
C THR B 231 8.77 -23.49 -0.62
N PRO B 232 8.55 -24.28 0.44
CA PRO B 232 7.44 -25.23 0.41
C PRO B 232 6.09 -24.56 0.45
N ASN B 233 5.96 -23.52 1.27
CA ASN B 233 4.77 -22.68 1.27
C ASN B 233 4.66 -21.93 -0.06
N GLY B 234 3.48 -21.37 -0.30
CA GLY B 234 3.27 -20.53 -1.45
C GLY B 234 2.36 -21.16 -2.48
N PRO B 235 2.17 -20.44 -3.59
CA PRO B 235 1.12 -20.80 -4.54
C PRO B 235 1.46 -21.92 -5.52
N TRP B 236 2.73 -22.34 -5.65
CA TRP B 236 3.07 -23.26 -6.72
C TRP B 236 3.74 -24.56 -6.26
N ALA B 237 4.18 -24.66 -5.00
CA ALA B 237 5.02 -25.77 -4.59
C ALA B 237 4.21 -27.01 -4.21
N THR B 238 2.96 -26.86 -3.78
CA THR B 238 2.14 -28.01 -3.43
C THR B 238 0.80 -27.91 -4.13
N VAL B 239 0.05 -29.00 -4.06
CA VAL B 239 -1.35 -29.04 -4.42
C VAL B 239 -2.08 -29.91 -3.41
N SER B 240 -3.36 -29.62 -3.23
CA SER B 240 -4.18 -30.46 -2.39
C SER B 240 -4.28 -31.86 -2.99
N ALA B 241 -4.58 -32.83 -2.12
CA ALA B 241 -4.89 -34.17 -2.63
C ALA B 241 -6.05 -34.12 -3.60
N GLY B 242 -6.98 -33.17 -3.44
CA GLY B 242 -8.08 -33.01 -4.35
C GLY B 242 -7.60 -32.66 -5.74
N GLU B 243 -6.88 -31.54 -5.85
CA GLU B 243 -6.47 -31.04 -7.15
C GLU B 243 -5.44 -31.96 -7.82
N ALA B 244 -4.65 -32.70 -7.02
CA ALA B 244 -3.73 -33.68 -7.60
C ALA B 244 -4.52 -34.77 -8.30
N ARG B 245 -5.49 -35.35 -7.59
CA ARG B 245 -6.32 -36.38 -8.17
C ARG B 245 -6.99 -35.91 -9.46
N ARG B 246 -7.40 -34.64 -9.49
CA ARG B 246 -8.09 -34.14 -10.68
C ARG B 246 -7.16 -34.15 -11.88
N ARG B 247 -5.93 -33.65 -11.70
CA ARG B 247 -5.02 -33.55 -12.82
C ARG B 247 -4.57 -34.92 -13.30
N ALA B 248 -4.42 -35.86 -12.37
CA ALA B 248 -4.08 -37.23 -12.71
C ALA B 248 -5.16 -37.85 -13.60
N THR B 249 -6.41 -37.86 -13.13
CA THR B 249 -7.46 -38.49 -13.90
C THR B 249 -7.80 -37.71 -15.16
N LEU B 250 -7.39 -36.44 -15.26
CA LEU B 250 -7.67 -35.72 -16.50
C LEU B 250 -6.63 -36.07 -17.55
N LEU B 251 -5.35 -36.03 -17.17
CA LEU B 251 -4.29 -36.46 -18.08
C LEU B 251 -4.52 -37.89 -18.55
N ALA B 252 -4.95 -38.77 -17.63
CA ALA B 252 -5.30 -40.13 -18.03
C ALA B 252 -6.31 -40.11 -19.15
N ARG B 253 -7.25 -39.18 -19.07
CA ARG B 253 -8.28 -39.11 -20.11
C ARG B 253 -7.69 -38.64 -21.43
N LEU B 254 -6.77 -37.67 -21.40
CA LEU B 254 -6.19 -37.20 -22.65
C LEU B 254 -5.16 -38.16 -23.23
N VAL B 255 -4.90 -39.30 -22.59
CA VAL B 255 -4.03 -40.31 -23.17
C VAL B 255 -4.77 -41.61 -23.45
N GLY B 256 -6.06 -41.68 -23.15
CA GLY B 256 -6.85 -42.86 -23.40
C GLY B 256 -7.26 -43.66 -22.20
N CYS B 257 -7.00 -43.19 -20.98
CA CYS B 257 -7.28 -44.02 -19.81
C CYS B 257 -8.43 -43.50 -18.95
N ASN B 265 -12.03 -46.96 -10.65
CA ASN B 265 -10.96 -47.79 -10.09
C ASN B 265 -9.60 -47.11 -10.27
N ASP B 266 -8.88 -46.92 -9.17
CA ASP B 266 -7.54 -46.33 -9.25
C ASP B 266 -6.56 -47.30 -9.94
N THR B 267 -6.57 -48.57 -9.52
CA THR B 267 -5.60 -49.54 -10.03
C THR B 267 -5.70 -49.72 -11.54
N GLU B 268 -6.93 -49.77 -12.05
CA GLU B 268 -7.09 -49.93 -13.49
C GLU B 268 -6.60 -48.71 -14.25
N LEU B 269 -6.75 -47.52 -13.65
CA LEU B 269 -6.36 -46.31 -14.36
C LEU B 269 -4.85 -46.15 -14.38
N ILE B 270 -4.21 -46.41 -13.24
CA ILE B 270 -2.75 -46.29 -13.17
C ILE B 270 -2.11 -47.30 -14.11
N ALA B 271 -2.64 -48.53 -14.13
CA ALA B 271 -2.10 -49.56 -15.01
C ALA B 271 -2.05 -49.07 -16.46
N CYS B 272 -3.17 -48.54 -16.96
CA CYS B 272 -3.19 -48.06 -18.34
C CYS B 272 -2.19 -46.92 -18.54
N LEU B 273 -1.96 -46.10 -17.52
CA LEU B 273 -0.95 -45.05 -17.62
C LEU B 273 0.46 -45.63 -17.71
N ARG B 274 0.72 -46.70 -16.95
CA ARG B 274 2.02 -47.36 -17.01
C ARG B 274 2.31 -48.00 -18.36
N THR B 275 1.31 -48.09 -19.24
CA THR B 275 1.52 -48.57 -20.61
C THR B 275 1.70 -47.45 -21.61
N ARG B 276 1.90 -46.23 -21.17
CA ARG B 276 2.07 -45.36 -22.32
C ARG B 276 3.52 -44.91 -22.42
N PRO B 277 4.03 -44.75 -23.64
CA PRO B 277 5.35 -44.13 -23.81
C PRO B 277 5.49 -42.88 -22.96
N ALA B 278 6.69 -42.66 -22.43
CA ALA B 278 6.90 -41.52 -21.56
C ALA B 278 6.49 -40.21 -22.24
N GLN B 279 6.83 -40.05 -23.52
CA GLN B 279 6.52 -38.82 -24.22
C GLN B 279 5.03 -38.64 -24.47
N ASP B 280 4.24 -39.73 -24.44
CA ASP B 280 2.80 -39.56 -24.48
C ASP B 280 2.31 -38.82 -23.24
N LEU B 281 2.99 -38.97 -22.10
CA LEU B 281 2.54 -38.31 -20.89
C LEU B 281 3.04 -36.86 -20.86
N VAL B 282 4.31 -36.66 -21.16
CA VAL B 282 4.85 -35.30 -21.27
C VAL B 282 4.05 -34.47 -22.27
N ASP B 283 3.55 -35.09 -23.34
CA ASP B 283 2.82 -34.37 -24.38
C ASP B 283 1.59 -33.65 -23.84
N HIS B 284 0.94 -34.20 -22.82
CA HIS B 284 -0.26 -33.59 -22.26
C HIS B 284 -0.02 -33.02 -20.86
N GLU B 285 1.25 -32.86 -20.49
CA GLU B 285 1.59 -32.48 -19.11
C GLU B 285 1.04 -31.09 -18.79
N TRP B 286 1.24 -30.14 -19.70
CA TRP B 286 0.79 -28.78 -19.48
C TRP B 286 -0.70 -28.58 -19.72
N HIS B 287 -1.39 -29.56 -20.27
CA HIS B 287 -2.81 -29.34 -20.58
C HIS B 287 -3.72 -29.52 -19.39
N VAL B 288 -3.22 -29.91 -18.21
CA VAL B 288 -4.10 -30.16 -17.08
C VAL B 288 -4.19 -28.97 -16.12
N LEU B 289 -3.48 -27.86 -16.39
CA LEU B 289 -3.55 -26.72 -15.46
C LEU B 289 -4.95 -26.09 -15.48
N PRO B 290 -5.51 -25.76 -14.32
CA PRO B 290 -6.90 -25.26 -14.31
C PRO B 290 -7.08 -23.95 -15.04
N GLN B 291 -6.23 -22.96 -14.76
CA GLN B 291 -6.34 -21.67 -15.42
C GLN B 291 -5.13 -21.46 -16.32
N GLU B 292 -5.26 -20.48 -17.21
CA GLU B 292 -4.10 -19.99 -17.95
C GLU B 292 -3.18 -19.30 -16.96
N SER B 293 -1.95 -19.76 -16.83
CA SER B 293 -1.14 -19.28 -15.74
C SER B 293 0.32 -19.13 -16.15
N ILE B 294 1.09 -18.62 -15.22
CA ILE B 294 2.54 -18.48 -15.33
C ILE B 294 3.06 -18.80 -13.94
N PHE B 295 4.23 -19.43 -13.87
CA PHE B 295 4.76 -19.91 -12.58
C PHE B 295 3.75 -20.84 -11.92
N ARG B 296 3.13 -21.71 -12.71
CA ARG B 296 2.34 -22.82 -12.22
C ARG B 296 2.75 -24.09 -12.94
N PHE B 297 2.69 -25.23 -12.24
CA PHE B 297 3.21 -26.47 -12.77
C PHE B 297 2.27 -27.62 -12.42
N SER B 298 2.05 -28.50 -13.41
CA SER B 298 0.96 -29.46 -13.34
C SER B 298 1.21 -30.59 -12.35
N PHE B 299 2.46 -30.99 -12.13
CA PHE B 299 2.72 -32.12 -11.25
C PHE B 299 3.83 -31.79 -10.28
N VAL B 300 3.45 -31.64 -9.01
CA VAL B 300 4.27 -31.04 -7.97
C VAL B 300 3.94 -31.82 -6.71
N PRO B 301 4.66 -31.63 -5.60
CA PRO B 301 4.33 -32.35 -4.38
C PRO B 301 2.86 -32.15 -4.00
N VAL B 302 2.29 -33.18 -3.38
CA VAL B 302 0.89 -33.20 -2.97
C VAL B 302 0.84 -33.22 -1.45
N VAL B 303 -0.12 -32.51 -0.89
CA VAL B 303 -0.39 -32.56 0.55
C VAL B 303 -1.15 -33.87 0.77
N ASP B 304 -0.42 -34.91 1.15
CA ASP B 304 -0.94 -36.27 1.15
C ASP B 304 -1.20 -36.78 2.55
N GLY B 305 -1.08 -35.94 3.56
CA GLY B 305 -1.19 -36.39 4.92
C GLY B 305 -0.20 -37.48 5.28
N ASP B 306 0.83 -37.69 4.45
CA ASP B 306 1.84 -38.72 4.69
C ASP B 306 3.24 -38.13 4.67
N PHE B 307 3.80 -37.93 3.48
CA PHE B 307 5.03 -37.14 3.40
C PHE B 307 4.81 -35.76 4.00
N LEU B 308 3.70 -35.12 3.67
CA LEU B 308 3.32 -33.80 4.17
C LEU B 308 2.05 -33.97 4.98
N SER B 309 2.21 -34.09 6.31
CA SER B 309 1.08 -34.33 7.20
C SER B 309 0.02 -33.23 7.12
N ASP B 310 0.42 -32.01 6.76
CA ASP B 310 -0.53 -30.92 6.54
C ASP B 310 0.06 -30.00 5.50
N THR B 311 -0.61 -28.87 5.24
CA THR B 311 -0.05 -27.93 4.28
C THR B 311 1.29 -27.43 4.82
N PRO B 312 2.24 -27.11 3.94
CA PRO B 312 3.44 -26.42 4.39
C PRO B 312 3.14 -25.24 5.31
N GLU B 313 2.10 -24.47 4.99
CA GLU B 313 1.80 -23.32 5.83
C GLU B 313 1.40 -23.76 7.22
N ALA B 314 0.51 -24.75 7.33
CA ALA B 314 0.12 -25.25 8.65
C ALA B 314 1.33 -25.73 9.45
N LEU B 315 2.28 -26.40 8.79
CA LEU B 315 3.40 -27.00 9.52
C LEU B 315 4.46 -25.98 9.87
N ILE B 316 4.60 -24.92 9.08
CA ILE B 316 5.50 -23.86 9.50
C ILE B 316 4.82 -23.01 10.58
N ASN B 317 3.50 -22.80 10.49
CA ASN B 317 2.82 -21.97 11.49
C ASN B 317 2.90 -22.57 12.88
N THR B 318 3.07 -23.89 13.01
CA THR B 318 2.88 -24.57 14.27
C THR B 318 4.05 -25.46 14.71
N GLY B 319 5.10 -25.59 13.90
CA GLY B 319 6.19 -26.49 14.23
C GLY B 319 7.24 -25.89 15.16
N ASP B 320 7.97 -26.78 15.86
CA ASP B 320 9.09 -26.38 16.71
C ASP B 320 10.40 -26.51 15.92
N PHE B 321 11.14 -25.41 15.82
CA PHE B 321 12.32 -25.32 14.97
C PHE B 321 13.53 -24.83 15.74
N GLN B 322 13.59 -25.10 17.06
CA GLN B 322 14.76 -24.66 17.83
C GLN B 322 16.04 -25.24 17.25
N ASP B 323 15.97 -26.45 16.67
CA ASP B 323 17.12 -27.17 16.17
C ASP B 323 17.57 -26.71 14.79
N LEU B 324 16.69 -26.04 14.06
CA LEU B 324 16.91 -25.74 12.65
C LEU B 324 17.88 -24.59 12.46
N GLN B 325 18.68 -24.69 11.42
CA GLN B 325 19.50 -23.58 10.95
C GLN B 325 19.34 -23.52 9.44
N VAL B 326 18.97 -22.36 8.93
CA VAL B 326 18.63 -22.20 7.53
C VAL B 326 19.26 -20.93 6.98
N LEU B 327 19.61 -20.98 5.70
CA LEU B 327 20.09 -19.83 4.95
C LEU B 327 19.17 -19.65 3.75
N VAL B 328 18.41 -18.54 3.70
CA VAL B 328 17.37 -18.33 2.69
C VAL B 328 17.61 -17.00 1.96
N GLY B 329 17.18 -16.93 0.71
CA GLY B 329 17.43 -15.71 -0.04
C GLY B 329 16.65 -15.68 -1.33
N VAL B 330 16.83 -14.59 -2.07
CA VAL B 330 16.19 -14.35 -3.35
C VAL B 330 17.18 -13.61 -4.24
N VAL B 331 16.83 -13.49 -5.52
CA VAL B 331 17.57 -12.64 -6.44
C VAL B 331 16.77 -11.37 -6.67
N LYS B 332 17.37 -10.40 -7.35
CA LYS B 332 16.75 -9.09 -7.39
C LYS B 332 15.46 -9.10 -8.20
N ASP B 333 15.37 -9.94 -9.23
CA ASP B 333 14.28 -9.85 -10.20
C ASP B 333 13.69 -11.23 -10.43
N GLU B 334 12.95 -11.72 -9.44
CA GLU B 334 12.56 -13.11 -9.44
C GLU B 334 11.58 -13.40 -10.56
N GLY B 335 10.65 -12.47 -10.80
CA GLY B 335 9.58 -12.73 -11.73
C GLY B 335 9.88 -12.47 -13.19
N SER B 336 11.05 -11.89 -13.51
CA SER B 336 11.22 -11.38 -14.86
C SER B 336 11.37 -12.51 -15.87
N TYR B 337 12.18 -13.52 -15.53
CA TYR B 337 12.33 -14.73 -16.35
C TYR B 337 10.99 -15.23 -16.87
N PHE B 338 10.00 -15.29 -15.99
CA PHE B 338 8.78 -16.00 -16.32
C PHE B 338 7.90 -15.27 -17.32
N LEU B 339 7.99 -13.94 -17.42
CA LEU B 339 6.98 -13.19 -18.17
C LEU B 339 6.93 -13.61 -19.65
N VAL B 340 8.09 -13.86 -20.26
CA VAL B 340 8.16 -14.26 -21.66
C VAL B 340 7.55 -15.63 -21.92
N TYR B 341 7.17 -16.36 -20.88
CA TYR B 341 6.55 -17.69 -20.99
C TYR B 341 5.03 -17.60 -20.89
N GLY B 342 4.40 -16.56 -21.39
CA GLY B 342 2.95 -16.58 -21.32
C GLY B 342 2.18 -15.27 -21.34
N VAL B 343 2.76 -14.15 -20.92
CA VAL B 343 2.00 -12.93 -20.73
C VAL B 343 2.24 -12.00 -21.92
N PRO B 344 1.21 -11.62 -22.66
CA PRO B 344 1.42 -10.92 -23.92
C PRO B 344 2.14 -9.59 -23.74
N GLY B 345 3.08 -9.33 -24.63
CA GLY B 345 3.87 -8.12 -24.58
C GLY B 345 5.31 -8.35 -24.18
N PHE B 346 5.63 -9.51 -23.62
CA PHE B 346 6.96 -9.74 -23.08
C PHE B 346 7.76 -10.63 -24.02
N SER B 347 9.03 -10.25 -24.25
CA SER B 347 9.92 -10.99 -25.14
C SER B 347 11.37 -10.77 -24.73
N LYS B 348 12.15 -11.85 -24.77
CA LYS B 348 13.60 -11.76 -24.64
C LYS B 348 14.19 -10.68 -25.54
N ASP B 349 13.52 -10.36 -26.65
CA ASP B 349 14.13 -9.69 -27.79
C ASP B 349 13.93 -8.18 -27.84
N ASN B 350 12.74 -7.68 -27.53
CA ASN B 350 12.57 -6.24 -27.43
C ASN B 350 12.74 -5.83 -25.98
N GLU B 351 12.04 -4.79 -25.55
CA GLU B 351 12.14 -4.31 -24.19
C GLU B 351 10.81 -4.38 -23.44
N SER B 352 9.83 -5.06 -24.02
CA SER B 352 8.64 -5.51 -23.30
C SER B 352 7.96 -4.36 -22.56
N LEU B 353 8.13 -3.13 -23.04
CA LEU B 353 7.29 -2.01 -22.60
C LEU B 353 5.84 -2.33 -22.90
N ILE B 354 4.98 -2.28 -21.88
CA ILE B 354 3.61 -2.74 -22.06
C ILE B 354 2.62 -1.62 -21.77
N SER B 355 1.42 -1.80 -22.33
CA SER B 355 0.32 -0.91 -22.06
C SER B 355 -0.17 -1.11 -20.64
N ARG B 356 -1.13 -0.29 -20.23
CA ARG B 356 -1.81 -0.56 -18.98
C ARG B 356 -2.66 -1.82 -19.11
N ALA B 357 -3.46 -1.91 -20.17
CA ALA B 357 -4.37 -3.05 -20.31
C ALA B 357 -3.62 -4.37 -20.37
N GLN B 358 -2.42 -4.35 -20.93
CA GLN B 358 -1.57 -5.52 -20.89
C GLN B 358 -1.20 -5.87 -19.46
N PHE B 359 -0.91 -4.85 -18.65
CA PHE B 359 -0.59 -5.08 -17.25
C PHE B 359 -1.78 -5.68 -16.51
N LEU B 360 -3.00 -5.19 -16.77
CA LEU B 360 -4.16 -5.78 -16.09
C LEU B 360 -4.39 -7.21 -16.54
N ALA B 361 -4.24 -7.46 -17.84
CA ALA B 361 -4.41 -8.82 -18.34
C ALA B 361 -3.33 -9.74 -17.77
N GLY B 362 -2.09 -9.26 -17.73
CA GLY B 362 -1.01 -10.06 -17.16
C GLY B 362 -1.28 -10.45 -15.72
N VAL B 363 -1.87 -9.54 -14.94
CA VAL B 363 -2.12 -9.84 -13.54
C VAL B 363 -3.05 -11.04 -13.38
N ARG B 364 -3.95 -11.29 -14.33
CA ARG B 364 -4.80 -12.47 -14.21
C ARG B 364 -4.02 -13.74 -14.53
N ILE B 365 -2.96 -13.63 -15.31
CA ILE B 365 -2.13 -14.78 -15.60
C ILE B 365 -1.09 -15.00 -14.51
N GLY B 366 -0.57 -13.94 -13.91
CA GLY B 366 0.39 -14.09 -12.83
C GLY B 366 -0.25 -14.52 -11.53
N VAL B 367 -1.47 -14.06 -11.28
CA VAL B 367 -2.22 -14.47 -10.11
C VAL B 367 -3.45 -15.20 -10.62
N PRO B 368 -3.28 -16.38 -11.21
CA PRO B 368 -4.41 -17.02 -11.90
C PRO B 368 -5.56 -17.38 -10.97
N GLN B 369 -5.34 -17.44 -9.67
CA GLN B 369 -6.39 -17.77 -8.73
C GLN B 369 -7.09 -16.52 -8.18
N ALA B 370 -6.76 -15.34 -8.70
CA ALA B 370 -7.33 -14.11 -8.17
C ALA B 370 -8.73 -13.86 -8.69
N SER B 371 -9.62 -13.42 -7.80
CA SER B 371 -10.92 -12.88 -8.23
C SER B 371 -10.73 -11.52 -8.90
N ASP B 372 -11.83 -11.01 -9.45
CA ASP B 372 -11.78 -9.66 -10.01
C ASP B 372 -11.37 -8.66 -8.95
N LEU B 373 -11.86 -8.83 -7.73
CA LEU B 373 -11.57 -7.87 -6.67
C LEU B 373 -10.12 -7.97 -6.21
N ALA B 374 -9.61 -9.20 -6.10
CA ALA B 374 -8.22 -9.37 -5.70
C ALA B 374 -7.27 -8.92 -6.81
N ALA B 375 -7.61 -9.20 -8.07
CA ALA B 375 -6.79 -8.72 -9.16
C ALA B 375 -6.75 -7.19 -9.19
N GLU B 376 -7.88 -6.55 -8.89
CA GLU B 376 -7.86 -5.09 -8.84
C GLU B 376 -7.04 -4.60 -7.66
N ALA B 377 -7.15 -5.28 -6.52
CA ALA B 377 -6.25 -5.02 -5.40
C ALA B 377 -4.78 -5.11 -5.82
N VAL B 378 -4.42 -6.07 -6.67
CA VAL B 378 -3.03 -6.21 -7.10
C VAL B 378 -2.64 -5.05 -7.99
N VAL B 379 -3.46 -4.78 -9.01
CA VAL B 379 -3.18 -3.67 -9.94
C VAL B 379 -3.08 -2.35 -9.18
N LEU B 380 -3.97 -2.11 -8.23
CA LEU B 380 -3.95 -0.83 -7.54
C LEU B 380 -2.73 -0.70 -6.64
N HIS B 381 -2.28 -1.80 -6.06
CA HIS B 381 -1.15 -1.76 -5.14
C HIS B 381 0.18 -1.65 -5.86
N TYR B 382 0.29 -2.21 -7.08
CA TYR B 382 1.54 -2.16 -7.83
C TYR B 382 1.62 -0.99 -8.81
N THR B 383 0.50 -0.35 -9.15
CA THR B 383 0.55 0.85 -9.96
C THR B 383 1.34 1.95 -9.26
N ASP B 384 2.21 2.62 -10.01
CA ASP B 384 2.82 3.87 -9.57
C ASP B 384 1.92 5.01 -10.02
N TRP B 385 1.19 5.63 -9.08
CA TRP B 385 0.12 6.58 -9.46
C TRP B 385 0.65 7.94 -9.85
N LEU B 386 1.95 8.15 -9.71
CA LEU B 386 2.55 9.31 -10.32
C LEU B 386 2.76 9.09 -11.83
N HIS B 387 3.04 7.84 -12.24
CA HIS B 387 3.13 7.50 -13.68
C HIS B 387 2.35 6.21 -13.93
N PRO B 388 1.03 6.23 -13.74
CA PRO B 388 0.24 4.98 -13.83
C PRO B 388 0.21 4.36 -15.21
N GLU B 389 0.80 5.02 -16.22
CA GLU B 389 0.82 4.54 -17.59
C GLU B 389 2.22 4.40 -18.19
N ASP B 390 3.25 4.93 -17.53
CA ASP B 390 4.62 4.79 -18.03
C ASP B 390 4.95 3.31 -18.26
N PRO B 391 5.21 2.90 -19.50
CA PRO B 391 5.34 1.46 -19.78
C PRO B 391 6.54 0.81 -19.11
N THR B 392 7.63 1.54 -18.85
CA THR B 392 8.74 0.95 -18.10
C THR B 392 8.30 0.55 -16.70
N HIS B 393 7.50 1.39 -16.04
CA HIS B 393 7.01 1.07 -14.72
C HIS B 393 6.14 -0.19 -14.75
N LEU B 394 5.16 -0.22 -15.66
CA LEU B 394 4.23 -1.35 -15.70
C LEU B 394 4.95 -2.65 -16.04
N ARG B 395 5.97 -2.57 -16.91
CA ARG B 395 6.77 -3.74 -17.22
C ARG B 395 7.52 -4.24 -15.98
N ASP B 396 8.21 -3.34 -15.29
CA ASP B 396 8.85 -3.74 -14.04
C ASP B 396 7.82 -4.11 -12.99
N ALA B 397 6.63 -3.53 -13.04
CA ALA B 397 5.58 -3.94 -12.10
C ALA B 397 5.16 -5.36 -12.34
N MET B 398 5.02 -5.74 -13.62
CA MET B 398 4.57 -7.08 -13.95
C MET B 398 5.56 -8.12 -13.44
N SER B 399 6.85 -7.88 -13.70
CA SER B 399 7.91 -8.72 -13.16
C SER B 399 7.81 -8.85 -11.65
N ALA B 400 7.49 -7.75 -10.97
CA ALA B 400 7.47 -7.74 -9.51
C ALA B 400 6.24 -8.42 -8.93
N VAL B 401 5.09 -8.30 -9.57
CA VAL B 401 3.92 -9.05 -9.10
C VAL B 401 4.24 -10.53 -9.10
N VAL B 402 4.84 -11.00 -10.19
CA VAL B 402 5.16 -12.42 -10.31
C VAL B 402 6.25 -12.81 -9.32
N GLY B 403 7.31 -11.98 -9.21
CA GLY B 403 8.38 -12.29 -8.27
C GLY B 403 7.90 -12.30 -6.82
N ASP B 404 7.09 -11.31 -6.45
CA ASP B 404 6.65 -11.16 -5.06
C ASP B 404 5.64 -12.23 -4.69
N HIS B 405 4.66 -12.46 -5.55
CA HIS B 405 3.65 -13.47 -5.27
C HIS B 405 4.28 -14.87 -5.12
N ASN B 406 5.24 -15.22 -5.99
CA ASN B 406 5.67 -16.61 -6.08
C ASN B 406 6.95 -16.92 -5.32
N VAL B 407 7.84 -15.95 -5.12
CA VAL B 407 9.06 -16.27 -4.39
C VAL B 407 9.27 -15.32 -3.21
N VAL B 408 9.39 -14.02 -3.47
CA VAL B 408 9.83 -13.09 -2.42
C VAL B 408 8.93 -13.17 -1.20
N CYS B 409 7.63 -13.07 -1.39
CA CYS B 409 6.82 -13.01 -0.18
C CYS B 409 6.69 -14.38 0.47
N PRO B 410 6.62 -15.48 -0.30
CA PRO B 410 6.80 -16.81 0.32
C PRO B 410 8.11 -17.00 1.07
N VAL B 411 9.25 -16.59 0.51
CA VAL B 411 10.51 -16.69 1.25
C VAL B 411 10.43 -15.86 2.53
N ALA B 412 9.90 -14.64 2.45
CA ALA B 412 9.80 -13.81 3.65
C ALA B 412 8.86 -14.43 4.68
N GLN B 413 7.71 -14.92 4.23
CA GLN B 413 6.82 -15.67 5.12
C GLN B 413 7.56 -16.84 5.79
N LEU B 414 8.35 -17.61 5.04
CA LEU B 414 9.07 -18.71 5.66
C LEU B 414 10.09 -18.19 6.66
N ALA B 415 10.88 -17.19 6.26
CA ALA B 415 11.93 -16.70 7.14
C ALA B 415 11.35 -16.22 8.47
N GLY B 416 10.17 -15.60 8.41
CA GLY B 416 9.56 -15.04 9.61
C GLY B 416 9.06 -16.08 10.58
N ARG B 417 8.40 -17.13 10.08
CA ARG B 417 7.89 -18.16 10.98
C ARG B 417 9.02 -19.02 11.54
N LEU B 418 10.01 -19.36 10.71
CA LEU B 418 11.11 -20.16 11.23
C LEU B 418 11.83 -19.40 12.34
N ALA B 419 12.09 -18.12 12.12
CA ALA B 419 12.74 -17.31 13.16
C ALA B 419 11.86 -17.23 14.41
N ALA B 420 10.58 -16.88 14.22
CA ALA B 420 9.65 -16.76 15.33
C ALA B 420 9.62 -18.00 16.20
N GLN B 421 9.89 -19.17 15.63
CA GLN B 421 9.70 -20.41 16.36
C GLN B 421 11.00 -21.19 16.56
N GLY B 422 12.06 -20.50 16.94
CA GLY B 422 13.26 -21.14 17.46
C GLY B 422 14.42 -21.17 16.51
N ALA B 423 14.19 -21.04 15.21
CA ALA B 423 15.24 -21.35 14.25
C ALA B 423 16.20 -20.18 14.09
N ARG B 424 17.43 -20.51 13.72
CA ARG B 424 18.41 -19.52 13.36
C ARG B 424 18.38 -19.36 11.84
N VAL B 425 18.19 -18.13 11.38
CA VAL B 425 17.83 -17.84 10.00
C VAL B 425 18.81 -16.80 9.51
N TYR B 426 19.44 -17.07 8.37
CA TYR B 426 20.19 -16.05 7.65
C TYR B 426 19.50 -15.81 6.32
N ALA B 427 19.31 -14.52 5.98
CA ALA B 427 18.63 -14.14 4.76
C ALA B 427 19.57 -13.30 3.92
N TYR B 428 19.46 -13.44 2.60
CA TYR B 428 20.22 -12.62 1.66
C TYR B 428 19.31 -12.13 0.55
N ILE B 429 19.80 -11.16 -0.21
CA ILE B 429 19.26 -10.86 -1.52
C ILE B 429 20.44 -10.80 -2.47
N PHE B 430 20.35 -11.54 -3.57
CA PHE B 430 21.41 -11.60 -4.56
C PHE B 430 21.13 -10.56 -5.63
N GLU B 431 22.07 -9.62 -5.81
CA GLU B 431 21.83 -8.42 -6.63
C GLU B 431 22.84 -8.23 -7.74
N HIS B 432 23.83 -9.09 -7.88
CA HIS B 432 24.77 -8.96 -8.97
C HIS B 432 24.28 -9.68 -10.22
N ARG B 433 24.36 -9.01 -11.36
CA ARG B 433 23.96 -9.58 -12.63
C ARG B 433 25.22 -9.96 -13.40
N ALA B 434 25.24 -11.21 -13.89
CA ALA B 434 26.45 -11.74 -14.50
C ALA B 434 26.77 -11.03 -15.80
N SER B 435 28.04 -10.67 -15.98
CA SER B 435 28.50 -10.11 -17.25
C SER B 435 28.26 -11.07 -18.40
N THR B 436 28.39 -12.38 -18.15
CA THR B 436 28.11 -13.42 -19.13
C THR B 436 26.63 -13.60 -19.43
N LEU B 437 25.73 -12.85 -18.79
CA LEU B 437 24.30 -13.18 -18.88
C LEU B 437 23.79 -12.83 -20.27
N THR B 438 22.87 -13.65 -20.79
CA THR B 438 22.47 -13.61 -22.19
C THR B 438 21.02 -13.21 -22.36
N TRP B 439 20.29 -13.03 -21.27
CA TRP B 439 18.94 -12.47 -21.35
C TRP B 439 19.02 -10.95 -21.39
N PRO B 440 17.94 -10.28 -21.82
CA PRO B 440 18.00 -8.82 -21.96
C PRO B 440 18.20 -8.09 -20.64
N LEU B 441 18.56 -6.81 -20.75
CA LEU B 441 18.86 -6.05 -19.54
C LEU B 441 17.62 -5.82 -18.69
N TRP B 442 16.45 -5.71 -19.32
CA TRP B 442 15.24 -5.38 -18.56
C TRP B 442 14.87 -6.46 -17.57
N MET B 443 15.39 -7.68 -17.73
CA MET B 443 15.09 -8.76 -16.80
C MET B 443 15.92 -8.69 -15.54
N GLY B 444 16.93 -7.82 -15.51
CA GLY B 444 17.70 -7.64 -14.29
C GLY B 444 18.51 -8.88 -13.94
N VAL B 445 18.38 -9.34 -12.69
CA VAL B 445 18.99 -10.57 -12.20
C VAL B 445 17.89 -11.61 -12.12
N PRO B 446 17.73 -12.47 -13.10
CA PRO B 446 16.54 -13.33 -13.15
C PRO B 446 16.70 -14.59 -12.31
N HIS B 447 15.56 -15.20 -12.05
CA HIS B 447 15.42 -16.46 -11.32
C HIS B 447 16.42 -17.50 -11.81
N GLY B 448 17.38 -17.85 -10.96
CA GLY B 448 18.31 -18.91 -11.24
C GLY B 448 19.74 -18.44 -11.40
N TYR B 449 19.98 -17.15 -11.62
CA TYR B 449 21.30 -16.72 -12.04
C TYR B 449 22.23 -16.34 -10.88
N GLU B 450 21.90 -16.75 -9.66
CA GLU B 450 22.92 -16.81 -8.62
C GLU B 450 23.67 -18.14 -8.55
N ILE B 451 23.12 -19.22 -9.13
CA ILE B 451 23.70 -20.55 -8.94
C ILE B 451 25.11 -20.61 -9.48
N GLU B 452 25.30 -20.13 -10.71
CA GLU B 452 26.64 -20.17 -11.31
C GLU B 452 27.69 -19.62 -10.35
N PHE B 453 27.32 -18.63 -9.51
CA PHE B 453 28.27 -18.03 -8.58
C PHE B 453 28.47 -18.87 -7.32
N ILE B 454 27.39 -19.43 -6.76
CA ILE B 454 27.51 -20.28 -5.58
C ILE B 454 28.40 -21.48 -5.85
N PHE B 455 28.31 -22.07 -7.06
CA PHE B 455 29.12 -23.22 -7.45
C PHE B 455 30.52 -22.86 -7.94
N GLY B 456 30.82 -21.57 -8.12
CA GLY B 456 32.18 -21.14 -8.42
C GLY B 456 32.59 -21.16 -9.87
N LEU B 457 31.63 -21.17 -10.80
CA LEU B 457 31.99 -21.21 -12.22
C LEU B 457 32.90 -20.06 -12.65
N PRO B 458 32.79 -18.84 -12.14
CA PRO B 458 33.77 -17.81 -12.52
C PRO B 458 35.23 -18.20 -12.31
N LEU B 459 35.52 -19.09 -11.37
CA LEU B 459 36.91 -19.52 -11.18
C LEU B 459 37.48 -20.31 -12.37
N ASP B 460 36.65 -20.73 -13.32
CA ASP B 460 37.16 -21.36 -14.52
C ASP B 460 37.43 -20.30 -15.56
N PRO B 461 38.70 -20.00 -15.88
CA PRO B 461 38.99 -18.84 -16.74
C PRO B 461 38.28 -18.90 -18.08
N SER B 462 38.11 -20.08 -18.63
CA SER B 462 37.53 -20.22 -19.97
C SER B 462 36.13 -19.64 -20.08
N LEU B 463 35.48 -19.33 -18.97
CA LEU B 463 34.10 -18.87 -19.01
C LEU B 463 33.99 -17.37 -19.22
N ASN B 464 35.10 -16.64 -19.13
CA ASN B 464 35.17 -15.21 -19.46
C ASN B 464 34.30 -14.37 -18.51
N TYR B 465 34.34 -14.70 -17.22
CA TYR B 465 33.86 -13.81 -16.17
C TYR B 465 34.92 -12.80 -15.82
N THR B 466 34.51 -11.69 -15.22
CA THR B 466 35.45 -10.63 -14.87
C THR B 466 36.13 -10.97 -13.55
N THR B 467 37.18 -10.22 -13.22
CA THR B 467 37.95 -10.54 -12.02
C THR B 467 37.13 -10.36 -10.77
N GLU B 468 36.35 -9.27 -10.70
CA GLU B 468 35.53 -9.08 -9.51
C GLU B 468 34.48 -10.17 -9.39
N GLU B 469 34.02 -10.72 -10.51
CA GLU B 469 33.08 -11.83 -10.44
C GLU B 469 33.75 -13.09 -9.89
N ARG B 470 35.00 -13.32 -10.27
CA ARG B 470 35.74 -14.44 -9.69
C ARG B 470 35.93 -14.22 -8.19
N ILE B 471 36.25 -12.99 -7.79
CA ILE B 471 36.42 -12.65 -6.37
C ILE B 471 35.10 -12.80 -5.62
N PHE B 472 34.00 -12.31 -6.24
CA PHE B 472 32.65 -12.51 -5.71
C PHE B 472 32.39 -13.99 -5.45
N ALA B 473 32.47 -14.80 -6.51
CA ALA B 473 32.24 -16.23 -6.43
C ALA B 473 32.96 -16.83 -5.24
N GLN B 474 34.20 -16.41 -4.98
CA GLN B 474 34.92 -16.96 -3.85
C GLN B 474 34.28 -16.57 -2.53
N ARG B 475 33.78 -15.33 -2.42
CA ARG B 475 33.09 -14.93 -1.20
C ARG B 475 31.87 -15.83 -0.96
N LEU B 476 31.06 -16.03 -2.00
CA LEU B 476 29.85 -16.83 -1.81
C LEU B 476 30.17 -18.28 -1.52
N MET B 477 31.18 -18.84 -2.17
CA MET B 477 31.58 -20.20 -1.84
C MET B 477 31.99 -20.31 -0.39
N LYS B 478 32.66 -19.27 0.13
CA LYS B 478 32.98 -19.22 1.55
C LYS B 478 31.72 -19.13 2.41
N TYR B 479 30.75 -18.30 2.00
CA TYR B 479 29.54 -18.14 2.80
C TYR B 479 28.80 -19.46 2.91
N TRP B 480 28.63 -20.13 1.77
CA TRP B 480 27.83 -21.35 1.75
C TRP B 480 28.53 -22.48 2.50
N THR B 481 29.82 -22.67 2.25
CA THR B 481 30.54 -23.73 2.96
C THR B 481 30.61 -23.45 4.45
N ASN B 482 31.00 -22.23 4.83
CA ASN B 482 31.00 -21.83 6.26
C ASN B 482 29.67 -22.14 6.91
N PHE B 483 28.57 -21.83 6.23
CA PHE B 483 27.28 -22.19 6.78
C PHE B 483 27.14 -23.71 6.92
N ALA B 484 27.75 -24.47 6.01
CA ALA B 484 27.68 -25.93 6.10
C ALA B 484 28.51 -26.47 7.27
N ARG B 485 29.72 -25.92 7.50
CA ARG B 485 30.53 -26.37 8.62
C ARG B 485 29.94 -25.96 9.96
N THR B 486 29.28 -24.81 10.03
CA THR B 486 29.01 -24.21 11.34
C THR B 486 27.59 -23.70 11.56
N GLY B 487 26.71 -23.72 10.57
CA GLY B 487 25.44 -23.03 10.73
C GLY B 487 25.56 -21.52 10.76
N ASP B 488 26.69 -20.98 10.34
CA ASP B 488 26.90 -19.55 10.38
C ASP B 488 27.75 -19.15 9.19
N PRO B 489 27.23 -18.31 8.30
CA PRO B 489 27.96 -17.98 7.06
C PRO B 489 29.16 -17.08 7.27
N ASN B 490 29.38 -16.51 8.45
CA ASN B 490 30.50 -15.60 8.64
C ASN B 490 31.81 -16.35 8.81
N ASP B 491 32.90 -15.75 8.30
CA ASP B 491 34.24 -16.36 8.36
C ASP B 491 34.81 -16.29 9.77
N PRO B 492 35.07 -17.42 10.44
CA PRO B 492 35.52 -17.37 11.85
C PRO B 492 36.92 -16.80 12.03
N ARG B 493 37.59 -16.47 10.93
CA ARG B 493 38.89 -15.81 10.93
C ARG B 493 38.81 -14.36 10.47
N ASP B 494 37.87 -14.07 9.57
CA ASP B 494 37.62 -12.70 9.15
C ASP B 494 36.87 -11.97 10.25
N SER B 495 37.46 -10.86 10.72
CA SER B 495 36.76 -9.98 11.66
C SER B 495 35.85 -9.03 10.88
N LYS B 496 36.04 -7.72 11.08
CA LYS B 496 35.41 -6.67 10.27
C LYS B 496 33.90 -6.54 10.47
N SER B 497 33.44 -5.28 10.61
CA SER B 497 32.06 -4.98 11.02
C SER B 497 30.96 -5.57 10.14
N PRO B 498 30.98 -5.43 8.76
CA PRO B 498 29.91 -6.08 7.98
C PRO B 498 29.91 -7.58 8.27
N GLN B 499 29.21 -7.97 9.34
CA GLN B 499 28.89 -9.34 9.66
C GLN B 499 27.47 -9.64 9.22
N TRP B 500 27.22 -10.89 8.86
CA TRP B 500 25.89 -11.28 8.45
C TRP B 500 25.05 -11.56 9.68
N PRO B 501 24.09 -10.71 10.02
CA PRO B 501 23.31 -10.95 11.23
C PRO B 501 22.19 -11.94 10.96
N PRO B 502 21.79 -12.68 11.98
CA PRO B 502 20.61 -13.55 11.85
C PRO B 502 19.34 -12.75 11.61
N TYR B 503 18.55 -13.19 10.63
CA TYR B 503 17.22 -12.63 10.46
C TYR B 503 16.36 -12.98 11.67
N THR B 504 15.83 -11.96 12.34
CA THR B 504 14.96 -12.11 13.50
C THR B 504 13.62 -11.44 13.23
N THR B 505 12.64 -11.73 14.09
CA THR B 505 11.33 -11.15 13.88
C THR B 505 11.34 -9.64 14.14
N ALA B 506 12.05 -9.20 15.18
CA ALA B 506 12.10 -7.79 15.49
C ALA B 506 12.88 -7.01 14.43
N ALA B 507 14.19 -7.25 14.34
CA ALA B 507 15.04 -6.41 13.51
C ALA B 507 14.92 -6.73 12.01
N GLN B 508 14.60 -7.97 11.63
CA GLN B 508 14.34 -8.31 10.23
C GLN B 508 15.53 -8.01 9.31
N GLN B 509 16.76 -8.19 9.82
CA GLN B 509 17.94 -7.91 9.00
C GLN B 509 18.23 -9.01 7.98
N TYR B 510 18.80 -8.60 6.86
CA TYR B 510 19.24 -9.45 5.77
C TYR B 510 20.40 -8.70 5.10
N VAL B 511 21.13 -9.40 4.24
CA VAL B 511 22.30 -8.77 3.64
C VAL B 511 22.16 -8.81 2.12
N SER B 512 22.98 -8.03 1.45
CA SER B 512 22.96 -7.96 0.00
C SER B 512 24.24 -8.57 -0.52
N LEU B 513 24.11 -9.50 -1.46
CA LEU B 513 25.26 -10.11 -2.09
C LEU B 513 25.42 -9.49 -3.46
N ASN B 514 26.45 -8.66 -3.60
CA ASN B 514 26.84 -8.08 -4.87
C ASN B 514 28.34 -7.84 -4.80
N LEU B 515 28.87 -7.04 -5.72
CA LEU B 515 30.30 -6.81 -5.74
C LEU B 515 30.77 -5.92 -4.59
N LYS B 516 29.88 -5.11 -4.02
CA LYS B 516 30.25 -4.31 -2.86
C LYS B 516 30.24 -5.19 -1.62
N PRO B 517 30.89 -4.76 -0.55
CA PRO B 517 30.91 -5.58 0.67
C PRO B 517 29.51 -5.76 1.25
N LEU B 518 29.43 -6.71 2.18
CA LEU B 518 28.17 -7.00 2.84
C LEU B 518 27.55 -5.72 3.36
N GLU B 519 26.30 -5.52 2.98
CA GLU B 519 25.50 -4.39 3.45
C GLU B 519 24.25 -4.94 4.12
N VAL B 520 23.96 -4.47 5.32
CA VAL B 520 22.82 -4.96 6.09
C VAL B 520 21.63 -4.03 5.89
N ARG B 521 20.50 -4.61 5.55
CA ARG B 521 19.24 -3.90 5.39
C ARG B 521 18.22 -4.54 6.32
N ARG B 522 17.05 -3.88 6.47
CA ARG B 522 16.00 -4.40 7.33
C ARG B 522 14.71 -4.45 6.54
N GLY B 523 13.90 -5.46 6.83
CA GLY B 523 12.63 -5.64 6.15
C GLY B 523 12.74 -6.42 4.86
N LEU B 524 12.20 -7.65 4.87
CA LEU B 524 12.10 -8.48 3.66
C LEU B 524 10.88 -8.02 2.86
N ARG B 525 11.03 -6.86 2.21
CA ARG B 525 9.96 -6.28 1.39
C ARG B 525 8.65 -6.26 2.20
N ALA B 526 8.71 -5.67 3.39
CA ALA B 526 7.76 -6.03 4.44
C ALA B 526 6.37 -5.43 4.18
N GLN B 527 6.30 -4.22 3.61
CA GLN B 527 5.01 -3.60 3.33
C GLN B 527 4.23 -4.39 2.30
N THR B 528 4.84 -4.62 1.14
CA THR B 528 4.14 -5.33 0.08
C THR B 528 3.94 -6.81 0.41
N CYS B 529 4.81 -7.41 1.22
CA CYS B 529 4.55 -8.79 1.61
C CYS B 529 3.46 -8.90 2.65
N ALA B 530 3.28 -7.85 3.46
CA ALA B 530 2.09 -7.78 4.29
C ALA B 530 0.82 -7.88 3.44
N PHE B 531 0.83 -7.35 2.23
CA PHE B 531 -0.34 -7.46 1.37
C PHE B 531 -0.53 -8.90 0.92
N TRP B 532 0.54 -9.56 0.48
CA TRP B 532 0.43 -10.90 -0.07
C TRP B 532 0.17 -11.91 1.01
N ASN B 533 0.81 -11.78 2.17
CA ASN B 533 0.70 -12.84 3.16
C ASN B 533 -0.40 -12.58 4.18
N ARG B 534 -0.69 -11.31 4.48
CA ARG B 534 -1.72 -10.99 5.46
C ARG B 534 -3.04 -10.57 4.83
N PHE B 535 -3.02 -9.75 3.78
CA PHE B 535 -4.30 -9.22 3.38
C PHE B 535 -4.94 -10.04 2.27
N LEU B 536 -4.20 -10.28 1.20
CA LEU B 536 -4.76 -10.98 0.06
C LEU B 536 -5.42 -12.30 0.43
N PRO B 537 -4.84 -13.16 1.29
CA PRO B 537 -5.59 -14.32 1.74
C PRO B 537 -6.96 -13.94 2.29
N LYS B 538 -7.03 -12.89 3.12
CA LYS B 538 -8.32 -12.51 3.68
C LYS B 538 -9.30 -12.05 2.61
N LEU B 539 -8.78 -11.46 1.53
CA LEU B 539 -9.65 -11.01 0.44
C LEU B 539 -10.27 -12.20 -0.28
N LEU B 540 -9.44 -13.16 -0.74
CA LEU B 540 -9.96 -14.35 -1.41
C LEU B 540 -10.78 -15.22 -0.46
N SER B 541 -10.36 -15.38 0.78
CA SER B 541 -11.08 -16.21 1.76
C SER B 541 -12.39 -15.58 2.22
N ALA B 542 -12.93 -14.64 1.43
CA ALA B 542 -14.14 -13.88 1.77
C ALA B 542 -14.46 -12.85 0.68
N THR B 543 -14.27 -13.22 -0.59
CA THR B 543 -14.56 -12.28 -1.69
C THR B 543 -16.08 -12.18 -1.83
O01 E5H C . -15.27 15.07 16.08
C02 E5H C . -15.73 15.84 16.95
N03 E5H C . -15.25 17.26 17.08
C04 E5H C . -14.20 17.87 16.16
C05 E5H C . -13.52 19.21 16.58
C06 E5H C . -12.83 19.85 15.33
N07 E5H C . -12.39 21.30 15.64
C08 E5H C . -11.27 21.53 14.60
C09 E5H C . -11.00 23.04 14.36
C10 E5H C . -12.25 23.83 14.06
C11 E5H C . -13.29 23.64 15.15
C12 E5H C . -13.62 22.16 15.44
C13 E5H C . -16.83 15.26 17.96
O14 E5H C . -17.10 16.02 19.18
C15 E5H C . -18.01 15.46 20.15
C16 E5H C . -18.59 16.26 21.17
C17 E5H C . -19.49 15.69 22.12
C18 E5H C . -19.93 14.35 22.17
C19 E5H C . -20.91 13.81 23.23
C25 E5H C . -19.34 13.57 21.13
C26 E5H C . -18.43 14.10 20.17
O2' TOE D . 4.69 12.07 1.14
CA' TOE D . 4.12 13.33 1.25
CB' TOE D . 2.65 13.22 0.99
OC' TOE D . 2.03 14.41 1.31
CD' TOE D . 1.47 15.13 0.29
CE' TOE D . 0.10 15.52 0.71
OF' TOE D . -0.49 16.12 -0.39
CG' TOE D . -1.48 17.05 -0.17
CH' TOE D . -2.50 17.03 -1.27
OI' TOE D . -3.22 18.20 -1.25
CK' TOE D . -2.62 19.34 -1.71
C5 PG0 E . -11.87 7.73 -9.64
O2 PG0 E . -11.10 8.86 -9.45
C4 PG0 E . -10.05 9.15 -10.31
C3 PG0 E . -9.72 10.61 -10.29
O1 PG0 E . -8.70 10.94 -11.19
C2 PG0 E . -8.95 11.76 -12.28
C1 PG0 E . -7.73 11.81 -13.13
OTT PG0 E . -8.06 11.68 -14.46
O01 E5H F . 6.35 -20.55 -16.38
C02 E5H F . 6.66 -21.45 -17.17
N03 E5H F . 7.99 -22.04 -17.15
C04 E5H F . 9.07 -21.63 -16.22
C05 E5H F . 10.51 -21.53 -16.78
C06 E5H F . 11.44 -21.03 -15.66
N07 E5H F . 12.81 -21.74 -15.78
C08 E5H F . 12.61 -23.05 -15.09
C09 E5H F . 13.94 -23.72 -14.94
C10 E5H F . 14.94 -22.84 -14.22
C11 E5H F . 15.09 -21.51 -14.89
C12 E5H F . 13.74 -20.84 -14.97
C13 E5H F . 5.58 -21.97 -18.22
O14 E5H F . 6.04 -22.88 -19.26
C15 E5H F . 5.12 -23.34 -20.28
C16 E5H F . 5.29 -24.61 -20.90
C17 E5H F . 4.38 -25.08 -21.91
C18 E5H F . 3.23 -24.40 -22.39
C19 E5H F . 2.28 -24.97 -23.49
C25 E5H F . 3.08 -23.13 -21.75
C26 E5H F . 3.97 -22.63 -20.74
C2 1PG G . -0.85 1.22 -2.01
C1 1PG G . 1.40 0.34 -2.03
O1 1PG G . 0.11 0.37 -2.56
O2 1PG G . -3.01 0.46 -2.48
C3 1PG G . -2.04 1.35 -2.91
C4 1PG G . -4.17 0.24 -3.21
C5 1PG G . -4.61 -1.18 -3.05
O3 1PG G . -4.75 -1.49 -1.72
C6 1PG G . -4.06 -2.53 -1.15
C7 1PG G . -4.87 -2.93 0.03
O4 1PG G . -4.02 -3.73 0.75
C8 1PG G . -3.45 -3.33 1.93
C9 1PG G . -2.30 -4.26 2.20
O5 1PG G . -1.31 -3.67 2.97
C10 1PG G . -0.14 -3.14 2.41
C11 1PG G . -0.41 -1.86 1.64
O6 1PG G . 0.40 -0.79 2.00
C5 PG0 H . 5.31 -32.91 11.96
O2 PG0 H . 5.99 -32.00 11.16
C4 PG0 H . 7.31 -31.67 11.41
C3 PG0 H . 7.51 -30.19 11.59
O1 PG0 H . 8.49 -30.01 12.55
C2 PG0 H . 8.24 -29.27 13.69
C1 PG0 H . 8.28 -30.16 14.90
OTT PG0 H . 7.37 -29.75 15.85
#